data_6ASO
#
_entry.id   6ASO
#
_cell.length_a   94.197
_cell.length_b   77.390
_cell.length_c   118.614
_cell.angle_alpha   90.00
_cell.angle_beta   105.91
_cell.angle_gamma   90.00
#
_symmetry.space_group_name_H-M   'P 1 21 1'
#
loop_
_entity.id
_entity.type
_entity.pdbx_description
1 polymer 'U4/U6 snRNA-associated-splicing factor PRP24'
2 polymer 'U6 snRNA-associated Sm-like protein LSm2'
3 polymer 'U6 snRNA-associated Sm-like protein LSm3'
4 polymer 'U6 snRNA-associated Sm-like protein LSm4'
5 polymer 'U6 snRNA-associated Sm-like protein LSm5'
6 polymer 'U6 snRNA-associated Sm-like protein LSm6'
7 polymer 'U6 snRNA-associated Sm-like protein LSm7'
8 polymer 'U6 snRNA-associated Sm-like protein LSm8'
9 polymer 'Saccharomyces cerevisiae strain HB_S_GIMBLETTROAD_9 chromosome XII sequence'
10 non-polymer 'POTASSIUM ION'
11 non-polymer 'MANGANESE (II) ION'
12 non-polymer 'MAGNESIUM ION'
13 water water
#
loop_
_entity_poly.entity_id
_entity_poly.type
_entity_poly.pdbx_seq_one_letter_code
_entity_poly.pdbx_strand_id
1 'polypeptide(L)'
;MKKANEALTRNRELTTVLVKNLPKSYNQNKVYKYFKHCGPIIHVDVADSLKKNFRFARIEFARYDGALAAITKTHKVVGQ
NEIIVSHLTECTLWMTNFPPSYTQRNIRDLLQDINVVALSIRLPSLRFNTSRRFAYIDVTSKEDARYCVEKLNGLKIEGY
TLVTKVSNPLEKSKRTDSATLEGREIMIRNLSTELLDENLLRESFEGFGSIEKINIPAGQKEHSFNNCCAFMVFENKDSA
ERALQMNRSLLGNREISVSLADKKPFLERNEVKRLLASRNSKELETLICLFPLSDKVSPSLICQFLQEEIHINEKDIRKI
LLVSDFNGAIIIFRDSKFAAKMLMILNGSQFQGKVIRSGTINDMKRYYNNQQNHSMKHVKPSCINMMEKGPNLQVKKKIP
DKQEQMSNDDFRKMFLGEHHHHHH
;
A
2 'polypeptide(L)'
;MLFFSFFKTLVDQEVVVELKNDIEIKGTLQSVDQFLNLKLDNISCTDEKKYPHLGSVRNIFIRGSTVRYVYLNKNMVDTN
LLQDATRREVMTERK
;
B
3 'polypeptide(L)'
;METPLDLLKLNLDERVYIKLRGARTLVGTLQAFDSHCNIVLSDAVETIYQLNNEELSESERRCEMVFIRGDTVTLISTPS
EDDDGAVEIWSHPQFEK
;
C
4 'polypeptide(L)'
;MLPLYLLTNAKGQQMQIELKNGEIIQGILTNVDNWMNLTLSNVTEYSEESAINSEDNAESSKAVKLNEIYIRGTFIKFIK
LQDNIIDKVKQQI
;
D
5 'polypeptide(L)'
;MSLPEILPLEVIDKTINQKVLIVLQSNREFEGTLVGFDDFVNVILEDAVEWLIDPEDESRNEKVMQHHGRMLLSGNNIAI
LVPGGKKTPTEAL
;
E
6 'polypeptide(L)'
;GSMSGKASTEGSVTTEFLSDIIGKTVNVKLASGLLYSGRLESIDGFMNVALSSATEHYESNNNKLLNKFNSDVFLRGTQV
MYISEQKI
;
F
7 'polypeptide(L)'
;MHQQHSKSENKPQQQRKKFEGPKREAILDLAKYKDSKIRVKLMGGKLVIGVLKGYDQLMNLVLDDTVEYMSNPDDENNTE
LISKNARKLGLTVIRGTILVSLSSAEGSDVLYMQK
;
G
8 'polypeptide(L)'
;MSATLKDYLNKRVVIIKVDGECLIASLNGFDKNTNLFITNVFNRISKEFICKAQLLRGSEIALVGLIDAENDDSLAPIDE
KKVPMLKDTKNKIENEHVIWEKVYESKTKHHHHHH
;
H
9 'polyribonucleotide'
;GGUCAAUUUGAAACAAUACAGAGAUGAUCAGCGGUUCCCCUGCAUAAGGGUGAACCGUUUUACAAAGAGAUUUAUUUCGU
UUU(UBD)
;
I
#
# COMPACT_ATOMS: atom_id res chain seq x y z
N ALA A 4 20.81 39.47 -2.38
CA ALA A 4 21.24 38.10 -2.07
C ALA A 4 21.74 37.38 -3.32
N ASN A 5 21.53 38.00 -4.50
CA ASN A 5 21.96 37.51 -5.80
C ASN A 5 23.47 37.70 -6.02
N GLU A 6 24.12 38.57 -5.23
CA GLU A 6 25.58 38.58 -5.12
C GLU A 6 26.08 37.82 -3.90
N ALA A 7 25.22 37.67 -2.88
CA ALA A 7 25.60 36.97 -1.66
C ALA A 7 25.79 35.48 -1.91
N LEU A 8 24.73 34.79 -2.33
CA LEU A 8 24.91 33.36 -2.47
C LEU A 8 25.79 33.00 -3.67
N THR A 9 25.87 33.88 -4.66
CA THR A 9 26.80 33.66 -5.75
C THR A 9 28.23 33.77 -5.26
N ARG A 10 28.52 34.81 -4.45
CA ARG A 10 29.83 34.85 -3.80
C ARG A 10 30.04 33.64 -2.90
N ASN A 11 28.98 33.09 -2.30
CA ASN A 11 29.18 31.87 -1.53
C ASN A 11 29.51 30.70 -2.46
N ARG A 12 28.80 30.49 -3.60
CA ARG A 12 29.21 29.30 -4.34
C ARG A 12 30.61 29.48 -4.78
N GLU A 13 30.92 30.68 -5.27
CA GLU A 13 32.24 30.88 -5.83
C GLU A 13 33.23 30.64 -4.71
N LEU A 14 32.90 31.23 -3.57
CA LEU A 14 33.71 31.18 -2.38
C LEU A 14 33.99 29.76 -1.86
N THR A 15 32.99 28.85 -1.91
CA THR A 15 33.20 27.52 -1.36
C THR A 15 33.33 26.36 -2.34
N THR A 16 33.48 26.59 -3.64
CA THR A 16 33.60 25.45 -4.57
C THR A 16 35.03 25.39 -5.11
N VAL A 17 35.67 24.24 -5.11
CA VAL A 17 36.99 24.22 -5.72
C VAL A 17 37.04 23.25 -6.89
N LEU A 18 37.98 23.52 -7.78
CA LEU A 18 38.26 22.70 -8.92
C LEU A 18 39.61 22.06 -8.73
N VAL A 19 39.67 20.74 -8.94
CA VAL A 19 40.91 20.02 -8.88
C VAL A 19 41.15 19.53 -10.29
N LYS A 20 42.32 19.85 -10.83
CA LYS A 20 42.72 19.42 -12.15
C LYS A 20 43.91 18.49 -12.01
N ASN A 21 43.96 17.48 -12.90
CA ASN A 21 45.11 16.58 -13.01
C ASN A 21 45.17 15.51 -11.93
N LEU A 22 44.02 15.09 -11.40
CA LEU A 22 44.01 13.92 -10.52
C LEU A 22 44.35 12.64 -11.30
N PRO A 23 44.90 11.63 -10.62
CA PRO A 23 45.24 10.37 -11.28
C PRO A 23 44.01 9.71 -11.87
N LYS A 24 44.23 8.94 -12.96
CA LYS A 24 43.16 8.13 -13.56
C LYS A 24 42.44 7.31 -12.49
N SER A 25 43.16 6.81 -11.50
CA SER A 25 42.53 5.92 -10.54
C SER A 25 41.72 6.65 -9.46
N TYR A 26 41.79 7.98 -9.39
CA TYR A 26 41.12 8.67 -8.30
C TYR A 26 39.62 8.77 -8.55
N ASN A 27 38.81 8.22 -7.67
CA ASN A 27 37.35 8.32 -7.74
C ASN A 27 36.87 9.29 -6.66
N GLN A 28 35.56 9.53 -6.64
CA GLN A 28 34.96 10.39 -5.62
C GLN A 28 35.40 10.00 -4.22
N ASN A 29 35.46 8.70 -3.93
CA ASN A 29 35.87 8.28 -2.58
C ASN A 29 37.30 8.73 -2.29
N LYS A 30 38.23 8.51 -3.22
CA LYS A 30 39.59 8.93 -2.92
C LYS A 30 39.72 10.45 -2.86
N VAL A 31 38.96 11.19 -3.67
CA VAL A 31 39.01 12.65 -3.58
C VAL A 31 38.53 13.11 -2.22
N TYR A 32 37.39 12.55 -1.79
CA TYR A 32 36.89 12.82 -0.46
C TYR A 32 37.97 12.55 0.58
N LYS A 33 38.53 11.35 0.56
CA LYS A 33 39.53 10.97 1.55
C LYS A 33 40.72 11.95 1.52
N TYR A 34 41.13 12.41 0.34
CA TYR A 34 42.25 13.35 0.27
C TYR A 34 41.88 14.73 0.84
N PHE A 35 40.64 15.21 0.64
CA PHE A 35 40.29 16.61 0.99
C PHE A 35 39.42 16.77 2.22
N LYS A 36 38.93 15.70 2.81
CA LYS A 36 37.98 15.79 3.91
C LYS A 36 38.62 16.36 5.15
N HIS A 37 39.97 16.31 5.22
CA HIS A 37 40.74 16.93 6.28
C HIS A 37 40.75 18.44 6.19
N CYS A 38 40.47 18.98 5.01
CA CYS A 38 40.41 20.41 4.81
C CYS A 38 39.18 20.98 5.50
N GLY A 39 38.17 20.16 5.72
CA GLY A 39 36.92 20.67 6.23
C GLY A 39 35.79 19.83 5.71
N PRO A 40 34.62 19.93 6.34
CA PRO A 40 33.47 19.13 5.93
C PRO A 40 33.13 19.42 4.47
N ILE A 41 32.85 18.36 3.71
CA ILE A 41 32.59 18.49 2.29
C ILE A 41 31.11 18.21 2.06
N ILE A 42 30.49 19.09 1.27
CA ILE A 42 29.09 18.90 0.94
C ILE A 42 28.97 17.95 -0.21
N HIS A 43 29.80 18.12 -1.24
CA HIS A 43 29.66 17.28 -2.43
C HIS A 43 30.94 17.17 -3.24
N VAL A 44 31.11 16.03 -3.86
CA VAL A 44 32.25 15.80 -4.74
C VAL A 44 31.73 15.24 -6.06
N ASP A 45 32.12 15.86 -7.18
CA ASP A 45 31.91 15.31 -8.50
C ASP A 45 33.29 15.05 -9.09
N VAL A 46 33.46 13.90 -9.72
CA VAL A 46 34.68 13.58 -10.43
C VAL A 46 34.35 13.29 -11.88
N ALA A 47 35.16 13.79 -12.80
CA ALA A 47 34.93 13.53 -14.22
C ALA A 47 36.25 13.26 -14.94
N ASP A 48 36.22 12.38 -15.94
CA ASP A 48 37.40 12.12 -16.77
C ASP A 48 37.72 13.33 -17.64
N SER A 49 39.02 13.55 -17.88
CA SER A 49 39.39 14.55 -18.88
C SER A 49 38.95 14.10 -20.27
N LEU A 50 39.03 15.02 -21.21
CA LEU A 50 38.56 14.73 -22.56
C LEU A 50 39.20 13.47 -23.14
N LYS A 51 40.52 13.29 -22.93
CA LYS A 51 41.25 12.15 -23.48
C LYS A 51 41.50 11.05 -22.45
N LYS A 52 40.86 11.13 -21.29
CA LYS A 52 40.90 10.13 -20.24
C LYS A 52 42.30 9.93 -19.63
N ASN A 53 43.20 10.89 -19.82
CA ASN A 53 44.52 10.77 -19.23
C ASN A 53 44.56 11.21 -17.77
N PHE A 54 43.59 12.00 -17.32
CA PHE A 54 43.53 12.42 -15.92
C PHE A 54 42.09 12.70 -15.53
N ARG A 55 41.89 13.10 -14.30
CA ARG A 55 40.55 13.43 -13.85
C ARG A 55 40.50 14.82 -13.24
N PHE A 56 39.31 15.42 -13.35
CA PHE A 56 38.90 16.65 -12.71
C PHE A 56 38.02 16.32 -11.50
N ALA A 57 38.01 17.23 -10.52
CA ALA A 57 37.04 17.15 -9.44
C ALA A 57 36.47 18.52 -9.14
N ARG A 58 35.20 18.54 -8.81
CA ARG A 58 34.54 19.70 -8.25
C ARG A 58 34.23 19.29 -6.83
N ILE A 59 34.68 20.08 -5.85
CA ILE A 59 34.43 19.76 -4.44
C ILE A 59 33.75 20.97 -3.86
N GLU A 60 32.53 20.78 -3.41
CA GLU A 60 31.78 21.84 -2.79
C GLU A 60 31.92 21.65 -1.28
N PHE A 61 32.56 22.62 -0.62
CA PHE A 61 32.79 22.54 0.81
C PHE A 61 31.63 23.14 1.59
N ALA A 62 31.47 22.63 2.80
CA ALA A 62 30.45 23.11 3.71
C ALA A 62 30.61 24.58 4.07
N ARG A 63 31.84 25.01 4.28
CA ARG A 63 32.11 26.37 4.71
C ARG A 63 33.31 26.92 3.97
N TYR A 64 33.42 28.24 3.97
CA TYR A 64 34.51 28.91 3.24
C TYR A 64 35.87 28.40 3.69
N ASP A 65 35.99 28.04 4.98
CA ASP A 65 37.24 27.54 5.52
C ASP A 65 37.69 26.28 4.79
N GLY A 66 36.73 25.51 4.29
CA GLY A 66 37.10 24.31 3.54
C GLY A 66 37.73 24.64 2.21
N ALA A 67 37.20 25.62 1.49
CA ALA A 67 37.84 26.04 0.25
C ALA A 67 39.24 26.59 0.50
N LEU A 68 39.39 27.43 1.54
CA LEU A 68 40.71 27.96 1.84
C LEU A 68 41.70 26.86 2.13
N ALA A 69 41.34 25.91 2.98
CA ALA A 69 42.27 24.83 3.27
C ALA A 69 42.57 24.00 2.04
N ALA A 70 41.54 23.76 1.21
CA ALA A 70 41.71 22.96 -0.01
C ALA A 70 42.70 23.57 -0.97
N ILE A 71 42.68 24.91 -1.11
CA ILE A 71 43.59 25.55 -2.06
C ILE A 71 45.05 25.45 -1.69
N THR A 72 45.36 25.27 -0.40
CA THR A 72 46.74 25.03 -0.03
C THR A 72 47.27 23.71 -0.56
N LYS A 73 46.37 22.83 -1.02
CA LYS A 73 46.80 21.58 -1.62
C LYS A 73 47.16 21.75 -3.09
N THR A 74 47.05 22.97 -3.62
CA THR A 74 47.35 23.20 -5.03
C THR A 74 48.82 22.90 -5.29
N HIS A 75 49.08 22.23 -6.39
CA HIS A 75 50.44 21.85 -6.77
C HIS A 75 51.06 20.84 -5.81
N LYS A 76 50.27 20.22 -4.96
CA LYS A 76 50.77 19.07 -4.25
C LYS A 76 50.75 17.89 -5.20
N VAL A 77 51.33 16.77 -4.79
CA VAL A 77 51.46 15.64 -5.70
C VAL A 77 50.55 14.53 -5.19
N VAL A 78 49.73 14.01 -6.08
CA VAL A 78 48.85 12.89 -5.81
C VAL A 78 49.23 11.80 -6.80
N GLY A 79 49.71 10.68 -6.28
CA GLY A 79 50.33 9.67 -7.10
C GLY A 79 51.61 10.20 -7.70
N GLN A 80 51.62 10.40 -9.02
CA GLN A 80 52.68 11.12 -9.69
C GLN A 80 52.14 12.31 -10.47
N ASN A 81 50.92 12.69 -10.18
CA ASN A 81 50.25 13.80 -10.81
C ASN A 81 50.43 15.08 -9.99
N GLU A 82 50.89 16.15 -10.64
CA GLU A 82 50.93 17.44 -9.95
C GLU A 82 49.54 18.02 -10.14
N ILE A 83 48.81 18.17 -9.07
CA ILE A 83 47.43 18.64 -9.17
C ILE A 83 47.40 20.17 -9.12
N ILE A 84 46.29 20.73 -9.58
CA ILE A 84 46.06 22.17 -9.46
C ILE A 84 44.70 22.36 -8.80
N VAL A 85 44.63 23.20 -7.76
CA VAL A 85 43.37 23.44 -7.05
C VAL A 85 43.04 24.93 -7.08
N SER A 86 41.83 25.26 -7.50
CA SER A 86 41.51 26.68 -7.62
C SER A 86 40.05 26.93 -7.33
N HIS A 87 39.73 28.17 -6.99
CA HIS A 87 38.33 28.52 -6.93
C HIS A 87 37.73 28.36 -8.31
N LEU A 88 36.56 27.75 -8.35
CA LEU A 88 35.81 27.64 -9.58
C LEU A 88 35.19 29.01 -9.73
N THR A 89 35.59 29.77 -10.74
CA THR A 89 35.05 31.11 -10.89
C THR A 89 34.95 31.42 -12.37
N GLU A 90 33.88 32.13 -12.75
CA GLU A 90 33.65 32.46 -14.16
C GLU A 90 33.65 31.18 -15.00
N CYS A 91 33.30 30.04 -14.40
CA CYS A 91 33.28 28.79 -15.13
C CYS A 91 31.91 28.14 -15.15
N THR A 92 30.86 28.90 -14.96
CA THR A 92 29.54 28.31 -14.90
C THR A 92 28.64 28.90 -15.96
N LEU A 93 27.96 28.01 -16.68
CA LEU A 93 26.99 28.44 -17.67
C LEU A 93 25.58 28.28 -17.14
N TRP A 94 24.70 29.13 -17.66
CA TRP A 94 23.27 28.98 -17.53
C TRP A 94 22.68 28.75 -18.90
N MET A 95 21.87 27.70 -19.00
CA MET A 95 21.27 27.24 -20.25
C MET A 95 19.78 27.14 -20.07
N THR A 96 19.02 27.59 -21.06
CA THR A 96 17.58 27.33 -21.02
C THR A 96 17.06 27.07 -22.43
N ASN A 97 15.81 26.62 -22.50
CA ASN A 97 15.13 26.32 -23.74
C ASN A 97 15.85 25.20 -24.49
N PHE A 98 16.47 24.28 -23.74
CA PHE A 98 16.79 22.98 -24.32
C PHE A 98 15.47 22.17 -24.47
N PRO A 99 15.49 21.10 -25.27
CA PRO A 99 14.26 20.34 -25.49
C PRO A 99 13.67 19.84 -24.19
N PRO A 100 12.33 19.73 -24.12
CA PRO A 100 11.64 19.34 -22.87
C PRO A 100 12.09 18.02 -22.34
N SER A 101 12.61 17.14 -23.21
CA SER A 101 12.98 15.82 -22.74
C SER A 101 14.48 15.67 -22.59
N TYR A 102 15.23 16.75 -22.77
CA TYR A 102 16.66 16.65 -22.52
C TYR A 102 16.83 16.36 -21.02
N THR A 103 17.75 15.46 -20.72
CA THR A 103 18.13 15.12 -19.35
C THR A 103 19.58 15.51 -19.09
N GLN A 104 19.97 15.33 -17.86
CA GLN A 104 21.35 15.61 -17.51
C GLN A 104 22.29 14.85 -18.45
N ARG A 105 21.98 13.59 -18.74
CA ARG A 105 22.85 12.83 -19.65
C ARG A 105 22.91 13.49 -21.03
N ASN A 106 21.76 13.93 -21.52
CA ASN A 106 21.68 14.60 -22.81
C ASN A 106 22.52 15.87 -22.87
N ILE A 107 22.49 16.66 -21.79
CA ILE A 107 23.21 17.93 -21.76
C ILE A 107 24.71 17.65 -21.74
N ARG A 108 25.07 16.63 -20.97
CA ARG A 108 26.46 16.20 -20.91
C ARG A 108 26.89 15.80 -22.33
N ASP A 109 26.02 15.09 -23.08
CA ASP A 109 26.43 14.70 -24.42
C ASP A 109 26.60 15.91 -25.32
N LEU A 110 25.74 16.96 -25.20
CA LEU A 110 26.03 18.21 -25.93
C LEU A 110 27.43 18.75 -25.68
N LEU A 111 27.86 18.83 -24.41
CA LEU A 111 29.20 19.39 -24.25
C LEU A 111 30.26 18.41 -24.76
N GLN A 112 30.04 17.10 -24.58
CA GLN A 112 31.00 16.14 -25.14
C GLN A 112 31.17 16.39 -26.64
N ASP A 113 30.07 16.66 -27.36
CA ASP A 113 30.10 16.93 -28.79
C ASP A 113 30.94 18.15 -29.18
N ILE A 114 31.05 19.17 -28.34
CA ILE A 114 31.89 20.32 -28.68
C ILE A 114 33.15 20.27 -27.82
N ASN A 115 33.47 19.06 -27.32
CA ASN A 115 34.69 18.72 -26.59
C ASN A 115 34.92 19.56 -25.33
N VAL A 116 33.85 19.78 -24.54
CA VAL A 116 33.97 20.48 -23.26
C VAL A 116 33.62 19.49 -22.15
N VAL A 117 34.53 19.27 -21.22
CA VAL A 117 34.20 18.39 -20.10
C VAL A 117 33.30 19.14 -19.14
N ALA A 118 32.22 18.48 -18.72
CA ALA A 118 31.29 19.06 -17.76
C ALA A 118 31.49 18.40 -16.42
N LEU A 119 31.69 19.23 -15.41
CA LEU A 119 31.88 18.78 -14.04
C LEU A 119 30.58 18.64 -13.31
N SER A 120 29.61 19.49 -13.60
CA SER A 120 28.41 19.42 -12.77
C SER A 120 27.27 19.98 -13.58
N ILE A 121 26.13 19.27 -13.57
CA ILE A 121 24.94 19.78 -14.25
C ILE A 121 23.83 19.78 -13.25
N ARG A 122 23.25 20.95 -13.01
CA ARG A 122 22.31 21.18 -11.92
C ARG A 122 21.05 21.70 -12.53
N LEU A 123 19.97 20.97 -12.28
CA LEU A 123 18.66 21.20 -12.83
C LEU A 123 17.72 21.62 -11.71
N PRO A 124 16.64 22.33 -11.99
CA PRO A 124 15.82 22.87 -10.90
C PRO A 124 14.69 21.94 -10.46
N SER A 125 14.29 22.14 -9.21
CA SER A 125 13.13 21.44 -8.65
C SER A 125 11.84 21.94 -9.28
N LEU A 126 10.95 21.02 -9.61
CA LEU A 126 9.68 21.40 -10.18
C LEU A 126 8.57 21.49 -9.15
N ARG A 127 8.92 21.44 -7.87
CA ARG A 127 7.93 21.44 -6.78
C ARG A 127 6.86 22.54 -6.97
N PHE A 128 7.29 23.80 -7.15
CA PHE A 128 6.34 24.89 -7.20
C PHE A 128 6.04 25.37 -8.61
N ASN A 129 6.70 24.83 -9.63
CA ASN A 129 6.37 25.21 -11.01
C ASN A 129 6.81 24.09 -11.96
N THR A 130 5.85 23.36 -12.50
CA THR A 130 6.11 22.19 -13.32
C THR A 130 6.82 22.50 -14.64
N SER A 131 6.72 23.71 -15.11
CA SER A 131 7.30 24.01 -16.40
C SER A 131 8.76 24.45 -16.33
N ARG A 132 9.36 24.59 -15.15
CA ARG A 132 10.70 25.13 -15.17
C ARG A 132 11.65 24.22 -15.92
N ARG A 133 12.56 24.86 -16.66
CA ARG A 133 13.45 24.17 -17.60
C ARG A 133 14.67 25.04 -17.87
N PHE A 134 15.74 24.80 -17.12
CA PHE A 134 17.02 25.47 -17.33
C PHE A 134 18.06 24.67 -16.56
N ALA A 135 19.33 25.05 -16.72
CA ALA A 135 20.39 24.30 -16.04
C ALA A 135 21.58 25.18 -15.82
N TYR A 136 22.28 24.88 -14.75
CA TYR A 136 23.58 25.45 -14.52
C TYR A 136 24.58 24.35 -14.81
N ILE A 137 25.66 24.69 -15.48
CA ILE A 137 26.65 23.68 -15.81
C ILE A 137 27.97 24.30 -15.38
N ASP A 138 28.72 23.58 -14.58
CA ASP A 138 30.03 24.03 -14.23
C ASP A 138 30.92 23.25 -15.17
N VAL A 139 31.78 23.98 -15.90
CA VAL A 139 32.80 23.42 -16.77
C VAL A 139 34.15 23.71 -16.16
N THR A 140 35.22 23.39 -16.89
CA THR A 140 36.53 23.42 -16.26
C THR A 140 37.33 24.68 -16.51
N SER A 141 36.91 25.56 -17.41
CA SER A 141 37.67 26.77 -17.57
C SER A 141 36.79 27.91 -18.08
N LYS A 142 37.21 29.15 -17.79
CA LYS A 142 36.46 30.26 -18.34
C LYS A 142 36.52 30.20 -19.85
N GLU A 143 37.65 29.77 -20.39
CA GLU A 143 37.77 29.61 -21.84
C GLU A 143 36.72 28.65 -22.34
N ASP A 144 36.59 27.49 -21.68
CA ASP A 144 35.60 26.50 -22.10
C ASP A 144 34.17 27.07 -22.01
N ALA A 145 33.84 27.82 -20.94
CA ALA A 145 32.51 28.42 -20.84
C ALA A 145 32.26 29.37 -22.00
N ARG A 146 33.22 30.26 -22.30
CA ARG A 146 33.05 31.16 -23.45
C ARG A 146 32.91 30.36 -24.74
N TYR A 147 33.60 29.23 -24.84
CA TYR A 147 33.45 28.43 -26.05
C TYR A 147 32.08 27.81 -26.15
N CYS A 148 31.55 27.32 -25.02
CA CYS A 148 30.20 26.76 -24.98
C CYS A 148 29.20 27.82 -25.40
N VAL A 149 29.38 29.05 -24.96
CA VAL A 149 28.44 30.09 -25.40
C VAL A 149 28.56 30.31 -26.89
N GLU A 150 29.79 30.43 -27.38
CA GLU A 150 30.04 30.66 -28.79
C GLU A 150 29.36 29.61 -29.65
N LYS A 151 29.47 28.33 -29.28
CA LYS A 151 28.93 27.25 -30.11
C LYS A 151 27.45 26.94 -29.84
N LEU A 152 26.93 27.19 -28.64
CA LEU A 152 25.60 26.72 -28.27
C LEU A 152 24.58 27.82 -28.18
N ASN A 153 24.99 29.05 -27.90
CA ASN A 153 23.99 30.10 -27.88
C ASN A 153 23.48 30.31 -29.29
N GLY A 154 22.18 30.07 -29.44
CA GLY A 154 21.49 30.20 -30.70
C GLY A 154 21.35 28.93 -31.48
N LEU A 155 21.97 27.82 -31.03
CA LEU A 155 21.85 26.53 -31.72
C LEU A 155 20.41 25.98 -31.73
N LYS A 156 19.93 25.55 -32.90
CA LYS A 156 18.60 24.95 -32.97
C LYS A 156 18.78 23.45 -32.81
N ILE A 157 18.14 22.88 -31.79
CA ILE A 157 18.23 21.46 -31.50
C ILE A 157 16.88 20.82 -31.28
N GLU A 158 16.52 19.85 -32.12
CA GLU A 158 15.25 19.14 -31.96
C GLU A 158 14.06 20.08 -31.84
N GLY A 159 14.18 21.19 -32.54
CA GLY A 159 13.24 22.28 -32.70
C GLY A 159 13.35 23.42 -31.71
N TYR A 160 14.17 23.30 -30.68
CA TYR A 160 14.35 24.38 -29.71
C TYR A 160 15.66 25.14 -29.95
N THR A 161 15.57 26.47 -30.09
CA THR A 161 16.81 27.26 -30.19
C THR A 161 17.31 27.51 -28.76
N LEU A 162 18.42 26.87 -28.44
CA LEU A 162 19.04 26.91 -27.13
C LEU A 162 19.52 28.28 -26.74
N VAL A 163 19.38 28.59 -25.44
CA VAL A 163 19.95 29.81 -24.83
C VAL A 163 21.08 29.39 -23.93
N THR A 164 22.29 29.92 -24.18
CA THR A 164 23.48 29.65 -23.35
C THR A 164 24.18 30.92 -22.98
N LYS A 165 24.35 31.15 -21.70
CA LYS A 165 24.92 32.38 -21.19
C LYS A 165 25.98 32.02 -20.16
N VAL A 166 27.00 32.86 -20.03
CA VAL A 166 27.82 32.76 -18.82
C VAL A 166 26.91 33.14 -17.67
N SER A 167 26.79 32.26 -16.67
CA SER A 167 25.81 32.44 -15.61
C SER A 167 26.08 33.68 -14.83
N ASN A 168 25.08 34.54 -14.77
CA ASN A 168 25.05 35.67 -13.87
C ASN A 168 23.61 36.13 -13.67
N PRO A 169 23.02 35.73 -12.55
CA PRO A 169 21.62 36.04 -12.30
C PRO A 169 21.30 37.51 -12.35
N LEU A 170 22.28 38.41 -12.14
CA LEU A 170 21.97 39.84 -12.21
C LEU A 170 21.55 40.32 -13.59
N GLU A 171 21.94 39.63 -14.66
CA GLU A 171 21.64 40.00 -16.05
C GLU A 171 20.36 39.35 -16.61
N LYS A 172 19.55 38.72 -15.77
CA LYS A 172 18.39 37.96 -16.25
C LYS A 172 17.40 38.78 -17.05
N SER A 173 16.86 38.19 -18.14
CA SER A 173 15.83 38.73 -19.05
C SER A 173 14.42 38.83 -18.42
N LYS A 174 13.61 39.72 -18.97
CA LYS A 174 12.20 39.76 -18.61
C LYS A 174 11.56 38.60 -19.33
N ARG A 175 10.80 37.81 -18.62
CA ARG A 175 10.12 36.71 -19.31
C ARG A 175 9.05 37.25 -20.26
N THR A 176 8.71 36.47 -21.29
CA THR A 176 7.71 36.95 -22.26
C THR A 176 6.34 37.00 -21.58
N ASP A 177 6.15 36.29 -20.46
CA ASP A 177 4.91 36.31 -19.70
C ASP A 177 5.02 37.23 -18.48
N SER A 178 5.98 38.18 -18.50
CA SER A 178 6.29 38.95 -17.28
C SER A 178 5.09 39.78 -16.82
N ALA A 179 4.20 40.15 -17.76
CA ALA A 179 3.09 41.00 -17.36
C ALA A 179 2.24 40.33 -16.31
N THR A 180 1.99 39.03 -16.45
CA THR A 180 1.22 38.35 -15.41
C THR A 180 1.97 38.26 -14.10
N LEU A 181 3.29 37.95 -14.16
CA LEU A 181 4.08 37.88 -12.93
C LEU A 181 4.08 39.19 -12.17
N GLU A 182 4.03 40.30 -12.88
CA GLU A 182 4.14 41.65 -12.33
C GLU A 182 2.80 42.25 -11.94
N GLY A 183 1.71 41.52 -12.14
CA GLY A 183 0.40 42.00 -11.73
C GLY A 183 -0.20 43.01 -12.69
N ARG A 184 0.14 42.95 -13.96
CA ARG A 184 -0.33 43.93 -14.93
C ARG A 184 -1.43 43.39 -15.82
N GLU A 185 -1.81 42.11 -15.69
CA GLU A 185 -2.81 41.52 -16.58
C GLU A 185 -4.09 41.25 -15.81
N ILE A 186 -5.17 41.76 -16.28
CA ILE A 186 -6.44 41.44 -15.65
C ILE A 186 -7.09 40.41 -16.55
N MET A 187 -7.94 39.61 -15.95
CA MET A 187 -8.80 38.70 -16.67
C MET A 187 -10.18 39.25 -16.46
N ILE A 188 -10.92 39.39 -17.56
CA ILE A 188 -12.30 39.87 -17.60
C ILE A 188 -13.19 38.66 -17.92
N ARG A 189 -14.15 38.39 -17.07
CA ARG A 189 -14.96 37.22 -17.29
C ARG A 189 -16.43 37.57 -17.42
N ASN A 190 -17.14 36.66 -18.08
CA ASN A 190 -18.58 36.71 -18.25
C ASN A 190 -19.06 37.82 -19.17
N LEU A 191 -18.21 38.18 -20.13
CA LEU A 191 -18.62 39.03 -21.22
C LEU A 191 -19.59 38.27 -22.10
N SER A 192 -20.50 38.99 -22.75
CA SER A 192 -21.25 38.34 -23.81
C SER A 192 -20.45 38.34 -25.13
N THR A 193 -20.89 37.51 -26.06
CA THR A 193 -20.25 37.47 -27.37
C THR A 193 -20.31 38.84 -28.03
N GLU A 194 -21.43 39.55 -27.86
CA GLU A 194 -21.58 40.90 -28.41
C GLU A 194 -20.47 41.81 -27.91
N LEU A 195 -20.03 41.63 -26.68
CA LEU A 195 -19.03 42.49 -26.07
C LEU A 195 -17.59 42.04 -26.33
N LEU A 196 -17.39 40.84 -26.87
CA LEU A 196 -16.04 40.32 -27.08
C LEU A 196 -15.33 40.91 -28.30
N ASP A 197 -14.89 42.14 -28.16
CA ASP A 197 -14.35 42.94 -29.27
C ASP A 197 -13.23 43.83 -28.76
N GLU A 198 -12.02 43.69 -29.31
CA GLU A 198 -10.92 44.44 -28.75
C GLU A 198 -11.15 45.95 -28.69
N ASN A 199 -11.74 46.55 -29.72
CA ASN A 199 -11.96 48.01 -29.70
C ASN A 199 -12.85 48.42 -28.55
N LEU A 200 -13.94 47.69 -28.34
CA LEU A 200 -14.82 48.03 -27.24
C LEU A 200 -14.09 47.90 -25.90
N LEU A 201 -13.30 46.84 -25.74
CA LEU A 201 -12.55 46.64 -24.51
C LEU A 201 -11.54 47.76 -24.30
N ARG A 202 -10.77 48.15 -25.33
CA ARG A 202 -9.86 49.29 -25.15
C ARG A 202 -10.64 50.51 -24.71
N GLU A 203 -11.75 50.82 -25.41
CA GLU A 203 -12.54 51.99 -25.06
C GLU A 203 -13.08 51.94 -23.62
N SER A 204 -13.46 50.76 -23.13
CA SER A 204 -14.07 50.64 -21.81
C SER A 204 -13.05 50.63 -20.69
N PHE A 205 -11.80 50.25 -20.97
CA PHE A 205 -10.83 50.11 -19.89
C PHE A 205 -9.67 51.09 -19.95
N GLU A 206 -9.43 51.75 -21.08
CA GLU A 206 -8.25 52.60 -21.23
C GLU A 206 -8.27 53.80 -20.30
N GLY A 207 -9.43 54.17 -19.78
CA GLY A 207 -9.46 55.22 -18.78
C GLY A 207 -8.62 54.87 -17.56
N PHE A 208 -8.48 53.56 -17.28
CA PHE A 208 -7.74 53.11 -16.11
C PHE A 208 -6.25 53.28 -16.31
N GLY A 209 -5.79 53.33 -17.57
CA GLY A 209 -4.37 53.46 -17.86
C GLY A 209 -4.05 53.00 -19.27
N SER A 210 -2.80 53.24 -19.66
CA SER A 210 -2.38 52.84 -21.00
C SER A 210 -2.47 51.33 -21.11
N ILE A 211 -3.16 50.84 -22.16
CA ILE A 211 -3.30 49.41 -22.40
C ILE A 211 -2.24 48.89 -23.37
N GLU A 212 -1.43 47.95 -22.90
CA GLU A 212 -0.38 47.37 -23.73
C GLU A 212 -0.90 46.30 -24.66
N LYS A 213 -1.85 45.49 -24.20
CA LYS A 213 -2.21 44.36 -25.06
C LYS A 213 -3.55 43.79 -24.63
N ILE A 214 -4.29 43.30 -25.59
CA ILE A 214 -5.53 42.57 -25.33
C ILE A 214 -5.44 41.22 -26.04
N ASN A 215 -5.69 40.15 -25.31
CA ASN A 215 -5.66 38.79 -25.82
C ASN A 215 -7.04 38.18 -25.63
N ILE A 216 -7.65 37.73 -26.73
CA ILE A 216 -8.96 37.12 -26.60
C ILE A 216 -8.84 35.67 -27.02
N PRO A 217 -9.03 34.74 -26.08
CA PRO A 217 -8.96 33.33 -26.45
C PRO A 217 -9.89 33.07 -27.61
N ALA A 218 -9.37 32.33 -28.59
CA ALA A 218 -10.08 32.09 -29.84
C ALA A 218 -11.20 31.05 -29.65
N GLY A 219 -12.17 31.11 -30.55
CA GLY A 219 -13.20 30.10 -30.59
C GLY A 219 -14.44 30.47 -29.81
N GLN A 220 -14.41 31.60 -29.09
CA GLN A 220 -15.50 32.00 -28.20
C GLN A 220 -16.71 32.57 -28.95
N LYS A 221 -16.47 33.39 -29.98
CA LYS A 221 -17.59 33.91 -30.76
C LYS A 221 -18.09 32.83 -31.69
N GLU A 222 -17.14 32.08 -32.26
CA GLU A 222 -17.42 31.07 -33.27
C GLU A 222 -18.28 29.96 -32.71
N HIS A 223 -18.16 29.66 -31.42
CA HIS A 223 -19.01 28.64 -30.82
C HIS A 223 -20.20 29.21 -30.06
N SER A 224 -20.50 30.50 -30.23
CA SER A 224 -21.66 31.14 -29.59
C SER A 224 -21.78 30.83 -28.08
N PHE A 225 -20.69 31.08 -27.35
CA PHE A 225 -20.63 30.87 -25.91
C PHE A 225 -21.60 31.80 -25.17
N ASN A 226 -22.18 31.29 -24.08
CA ASN A 226 -22.96 32.15 -23.19
C ASN A 226 -22.10 33.20 -22.51
N ASN A 227 -20.96 32.78 -21.97
CA ASN A 227 -20.00 33.62 -21.26
C ASN A 227 -18.65 33.61 -21.96
N CYS A 228 -18.03 34.76 -22.08
CA CYS A 228 -16.71 34.85 -22.70
C CYS A 228 -15.75 35.48 -21.72
N CYS A 229 -14.46 35.20 -21.92
CA CYS A 229 -13.45 35.80 -21.07
C CYS A 229 -12.48 36.49 -22.00
N ALA A 230 -11.72 37.42 -21.43
CA ALA A 230 -10.72 38.13 -22.21
C ALA A 230 -9.62 38.55 -21.29
N PHE A 231 -8.45 38.75 -21.85
CA PHE A 231 -7.37 39.17 -21.00
C PHE A 231 -6.87 40.49 -21.52
N MET A 232 -6.47 41.35 -20.58
CA MET A 232 -6.04 42.69 -20.90
C MET A 232 -4.81 43.03 -20.08
N VAL A 233 -3.74 43.44 -20.74
CA VAL A 233 -2.48 43.83 -20.11
C VAL A 233 -2.34 45.33 -20.13
N PHE A 234 -2.10 45.91 -18.94
CA PHE A 234 -1.87 47.33 -18.76
C PHE A 234 -0.36 47.61 -18.68
N GLU A 235 0.03 48.80 -19.10
CA GLU A 235 1.45 49.15 -19.06
C GLU A 235 2.01 49.20 -17.65
N ASN A 236 1.20 49.58 -16.66
CA ASN A 236 1.69 49.55 -15.28
C ASN A 236 0.69 48.93 -14.31
N LYS A 237 1.25 48.43 -13.21
CA LYS A 237 0.47 47.68 -12.24
C LYS A 237 -0.66 48.52 -11.65
N ASP A 238 -0.42 49.83 -11.48
CA ASP A 238 -1.44 50.71 -10.90
C ASP A 238 -2.68 50.73 -11.79
N SER A 239 -2.48 50.70 -13.10
CA SER A 239 -3.61 50.67 -13.99
C SER A 239 -4.41 49.39 -13.81
N ALA A 240 -3.76 48.23 -13.72
CA ALA A 240 -4.53 47.01 -13.52
C ALA A 240 -5.30 47.07 -12.19
N GLU A 241 -4.65 47.61 -11.15
CA GLU A 241 -5.30 47.68 -9.84
C GLU A 241 -6.55 48.54 -9.93
N ARG A 242 -6.45 49.71 -10.56
CA ARG A 242 -7.67 50.51 -10.63
C ARG A 242 -8.69 49.87 -11.55
N ALA A 243 -8.23 49.14 -12.57
CA ALA A 243 -9.19 48.46 -13.44
C ALA A 243 -9.98 47.43 -12.67
N LEU A 244 -9.49 47.03 -11.51
CA LEU A 244 -10.30 46.04 -10.80
C LEU A 244 -11.65 46.65 -10.39
N GLN A 245 -11.80 47.99 -10.40
CA GLN A 245 -13.08 48.65 -10.12
CA GLN A 245 -13.12 48.40 -9.95
C GLN A 245 -14.20 48.09 -10.98
N MET A 246 -13.86 47.61 -12.17
CA MET A 246 -14.94 47.18 -13.05
C MET A 246 -15.59 45.90 -12.55
N ASN A 247 -14.99 45.24 -11.57
CA ASN A 247 -15.61 44.04 -11.05
C ASN A 247 -17.00 44.32 -10.52
N ARG A 248 -17.93 43.50 -10.98
CA ARG A 248 -19.35 43.51 -10.70
C ARG A 248 -20.02 44.70 -11.36
N SER A 249 -19.29 45.48 -12.16
CA SER A 249 -19.89 46.60 -12.85
C SER A 249 -20.58 46.12 -14.13
N LEU A 250 -21.47 46.95 -14.67
CA LEU A 250 -22.09 46.62 -15.94
C LEU A 250 -21.27 47.19 -17.10
N LEU A 251 -21.02 46.33 -18.08
CA LEU A 251 -20.52 46.68 -19.40
C LEU A 251 -21.60 46.23 -20.38
N GLY A 252 -22.27 47.16 -21.04
CA GLY A 252 -23.47 46.81 -21.79
C GLY A 252 -24.53 46.20 -20.88
N ASN A 253 -25.01 45.01 -21.21
CA ASN A 253 -26.01 44.33 -20.40
C ASN A 253 -25.43 43.16 -19.62
N ARG A 254 -24.12 43.12 -19.42
CA ARG A 254 -23.45 42.01 -18.76
C ARG A 254 -22.75 42.49 -17.52
N GLU A 255 -23.00 41.84 -16.40
CA GLU A 255 -22.22 42.21 -15.24
C GLU A 255 -20.93 41.42 -15.40
N ILE A 256 -19.80 42.10 -15.49
CA ILE A 256 -18.54 41.41 -15.71
C ILE A 256 -17.79 41.23 -14.40
N SER A 257 -16.89 40.24 -14.36
CA SER A 257 -15.99 40.07 -13.22
C SER A 257 -14.60 40.41 -13.69
N VAL A 258 -13.84 41.08 -12.83
CA VAL A 258 -12.48 41.44 -13.21
C VAL A 258 -11.56 41.15 -12.06
N SER A 259 -10.47 40.45 -12.36
CA SER A 259 -9.56 40.02 -11.33
C SER A 259 -8.18 40.00 -11.94
N LEU A 260 -7.18 39.98 -11.09
CA LEU A 260 -5.83 39.75 -11.58
C LEU A 260 -5.68 38.32 -12.10
N ALA A 261 -5.09 38.20 -13.28
CA ALA A 261 -4.92 36.88 -13.88
C ALA A 261 -4.02 36.06 -13.00
N ASP A 262 -4.43 34.80 -12.80
CA ASP A 262 -3.63 33.85 -12.06
C ASP A 262 -2.50 33.31 -12.91
N LYS A 263 -1.45 32.82 -12.24
CA LYS A 263 -0.37 32.22 -13.00
C LYS A 263 -0.53 30.71 -13.12
N LYS A 264 0.10 30.13 -14.14
CA LYS A 264 -0.09 28.69 -14.36
C LYS A 264 0.25 27.85 -13.13
N PRO A 265 1.39 28.03 -12.46
CA PRO A 265 1.66 27.14 -11.35
C PRO A 265 0.64 27.19 -10.26
N PHE A 266 0.12 28.36 -9.97
CA PHE A 266 -0.98 28.47 -9.03
C PHE A 266 -2.19 27.69 -9.52
N LEU A 267 -2.56 27.88 -10.78
CA LEU A 267 -3.76 27.22 -11.24
C LEU A 267 -3.61 25.70 -11.22
N GLU A 268 -2.47 25.18 -11.69
CA GLU A 268 -2.26 23.73 -11.72
C GLU A 268 -2.23 23.16 -10.31
N ARG A 269 -1.62 23.88 -9.36
CA ARG A 269 -1.58 23.34 -8.01
C ARG A 269 -2.97 23.30 -7.40
N ASN A 270 -3.79 24.33 -7.59
CA ASN A 270 -5.14 24.21 -7.04
C ASN A 270 -5.92 23.10 -7.70
N GLU A 271 -5.63 22.82 -8.98
CA GLU A 271 -6.28 21.70 -9.64
C GLU A 271 -5.87 20.39 -8.96
N VAL A 272 -4.58 20.24 -8.65
CA VAL A 272 -4.16 19.04 -7.94
C VAL A 272 -4.78 18.97 -6.56
N LYS A 273 -4.84 20.08 -5.84
CA LYS A 273 -5.45 20.07 -4.52
C LYS A 273 -6.89 19.61 -4.60
N ARG A 274 -7.59 20.05 -5.63
CA ARG A 274 -8.94 19.60 -5.85
C ARG A 274 -8.97 18.11 -6.08
N LEU A 275 -8.02 17.64 -6.86
CA LEU A 275 -7.94 16.21 -7.16
C LEU A 275 -7.66 15.38 -5.90
N LEU A 276 -6.65 15.75 -5.12
CA LEU A 276 -6.30 15.00 -3.91
C LEU A 276 -7.39 15.04 -2.86
N ALA A 277 -8.22 16.06 -2.84
CA ALA A 277 -9.28 16.11 -1.83
C ALA A 277 -10.60 15.54 -2.35
N SER A 278 -10.64 15.15 -3.62
CA SER A 278 -11.86 14.69 -4.23
C SER A 278 -12.34 13.40 -3.57
N ARG A 279 -13.65 13.29 -3.47
CA ARG A 279 -14.39 12.13 -2.99
C ARG A 279 -15.40 11.73 -4.06
N ASN A 280 -15.27 12.34 -5.23
CA ASN A 280 -16.00 12.06 -6.46
C ASN A 280 -15.50 10.73 -7.03
N SER A 281 -15.82 10.47 -8.29
CA SER A 281 -15.41 9.20 -8.89
C SER A 281 -15.42 9.23 -10.41
N LYS A 282 -16.25 10.04 -11.09
CA LYS A 282 -16.13 10.08 -12.54
C LYS A 282 -14.77 10.61 -12.96
N GLU A 283 -14.27 11.64 -12.26
CA GLU A 283 -12.97 12.16 -12.65
C GLU A 283 -11.87 11.23 -12.14
N LEU A 284 -11.98 10.84 -10.86
CA LEU A 284 -10.96 10.04 -10.21
C LEU A 284 -10.79 8.66 -10.89
N GLU A 285 -11.86 8.09 -11.44
CA GLU A 285 -11.68 6.76 -11.99
C GLU A 285 -10.97 6.77 -13.34
N THR A 286 -10.73 7.93 -13.93
CA THR A 286 -9.98 8.01 -15.17
C THR A 286 -8.51 8.28 -14.96
N LEU A 287 -8.03 8.44 -13.72
CA LEU A 287 -6.63 8.78 -13.49
C LEU A 287 -5.91 7.70 -12.71
N ILE A 288 -4.59 7.72 -12.85
CA ILE A 288 -3.70 6.89 -12.06
C ILE A 288 -2.53 7.71 -11.55
N CYS A 289 -1.84 7.16 -10.55
CA CYS A 289 -0.62 7.76 -10.04
C CYS A 289 0.60 6.91 -10.34
N LEU A 290 1.70 7.61 -10.57
CA LEU A 290 3.00 6.99 -10.69
C LEU A 290 3.85 7.50 -9.54
N PHE A 291 4.59 6.62 -8.89
CA PHE A 291 5.39 7.02 -7.73
C PHE A 291 6.35 5.89 -7.41
N PRO A 292 7.45 6.20 -6.74
CA PRO A 292 7.95 7.51 -6.42
C PRO A 292 8.76 8.06 -7.58
N LEU A 293 8.74 9.37 -7.76
CA LEU A 293 9.46 10.05 -8.81
C LEU A 293 10.24 11.17 -8.15
N SER A 294 11.40 11.46 -8.73
CA SER A 294 12.21 12.62 -8.34
C SER A 294 11.46 13.93 -8.54
N ASP A 295 11.68 14.89 -7.63
CA ASP A 295 11.00 16.14 -7.95
C ASP A 295 11.65 16.87 -9.12
N LYS A 296 12.68 16.34 -9.75
CA LYS A 296 13.22 17.01 -10.92
C LYS A 296 12.62 16.59 -12.24
N VAL A 297 11.76 15.56 -12.26
CA VAL A 297 11.20 14.97 -13.49
C VAL A 297 9.99 15.77 -13.95
N SER A 298 10.05 16.29 -15.15
CA SER A 298 8.95 17.11 -15.63
C SER A 298 7.89 16.24 -16.28
N PRO A 299 6.65 16.74 -16.41
CA PRO A 299 5.60 16.02 -17.17
C PRO A 299 5.98 15.61 -18.60
N SER A 300 6.73 16.41 -19.35
CA SER A 300 7.09 15.93 -20.68
C SER A 300 7.92 14.68 -20.57
N LEU A 301 8.79 14.63 -19.58
CA LEU A 301 9.66 13.47 -19.47
C LEU A 301 8.82 12.23 -19.20
N ILE A 302 7.78 12.37 -18.36
CA ILE A 302 6.88 11.27 -18.06
C ILE A 302 6.09 10.89 -19.32
N CYS A 303 5.63 11.89 -20.09
CA CYS A 303 4.88 11.64 -21.34
C CYS A 303 5.70 10.85 -22.35
N GLN A 304 6.96 11.22 -22.53
CA GLN A 304 7.85 10.49 -23.42
C GLN A 304 7.98 9.06 -22.91
N PHE A 305 8.14 8.88 -21.60
CA PHE A 305 8.14 7.52 -21.08
C PHE A 305 6.85 6.77 -21.45
N LEU A 306 5.67 7.38 -21.30
CA LEU A 306 4.44 6.64 -21.65
C LEU A 306 4.36 6.29 -23.12
N GLN A 307 4.83 7.17 -24.00
CA GLN A 307 4.74 6.87 -25.42
C GLN A 307 5.80 5.87 -25.88
N GLU A 308 7.03 6.05 -25.46
CA GLU A 308 8.08 5.25 -26.04
C GLU A 308 8.23 3.89 -25.39
N GLU A 309 8.03 3.79 -24.10
CA GLU A 309 8.29 2.49 -23.49
C GLU A 309 7.01 1.70 -23.33
N ILE A 310 5.93 2.40 -23.04
CA ILE A 310 4.65 1.77 -22.77
C ILE A 310 3.77 1.80 -24.02
N HIS A 311 4.15 2.57 -25.04
CA HIS A 311 3.45 2.59 -26.32
C HIS A 311 2.01 3.13 -26.20
N ILE A 312 1.80 4.10 -25.30
CA ILE A 312 0.49 4.76 -25.20
C ILE A 312 0.39 5.84 -26.27
N ASN A 313 -0.78 5.95 -26.89
CA ASN A 313 -0.98 6.99 -27.87
C ASN A 313 -1.16 8.32 -27.19
N GLU A 314 -0.51 9.34 -27.76
CA GLU A 314 -0.56 10.71 -27.24
C GLU A 314 -1.99 11.17 -26.96
N LYS A 315 -2.95 10.77 -27.81
CA LYS A 315 -4.31 11.27 -27.65
C LYS A 315 -5.13 10.48 -26.63
N ASP A 316 -4.53 9.45 -26.03
CA ASP A 316 -5.15 8.77 -24.90
C ASP A 316 -4.88 9.49 -23.57
N ILE A 317 -3.91 10.41 -23.53
CA ILE A 317 -3.55 11.10 -22.30
C ILE A 317 -4.19 12.48 -22.31
N ARG A 318 -5.06 12.68 -21.34
CA ARG A 318 -5.80 13.90 -21.13
C ARG A 318 -4.91 14.94 -20.43
N LYS A 319 -4.24 14.56 -19.32
CA LYS A 319 -3.45 15.55 -18.58
C LYS A 319 -2.44 14.85 -17.68
N ILE A 320 -1.27 15.48 -17.50
CA ILE A 320 -0.28 15.03 -16.51
C ILE A 320 0.09 16.16 -15.55
N LEU A 321 -0.08 15.89 -14.25
CA LEU A 321 0.11 16.84 -13.15
C LEU A 321 1.10 16.26 -12.13
N LEU A 322 2.04 17.07 -11.63
CA LEU A 322 2.92 16.56 -10.58
C LEU A 322 2.30 16.69 -9.20
N VAL A 323 2.56 15.70 -8.32
CA VAL A 323 2.15 15.74 -6.92
C VAL A 323 3.39 15.42 -6.09
N SER A 324 4.31 16.38 -6.06
CA SER A 324 5.63 16.15 -5.53
C SER A 324 5.63 16.00 -4.02
N ASP A 325 4.56 16.45 -3.36
CA ASP A 325 4.44 16.32 -1.92
C ASP A 325 4.26 14.87 -1.53
N PHE A 326 3.95 14.00 -2.49
CA PHE A 326 3.97 12.53 -2.31
C PHE A 326 4.95 11.84 -3.27
N ASN A 327 5.96 12.56 -3.76
CA ASN A 327 6.93 12.04 -4.72
C ASN A 327 6.27 11.33 -5.90
N GLY A 328 5.16 11.89 -6.41
CA GLY A 328 4.43 11.19 -7.46
C GLY A 328 3.98 12.13 -8.55
N ALA A 329 3.25 11.56 -9.52
CA ALA A 329 2.60 12.30 -10.60
C ALA A 329 1.26 11.63 -10.90
N ILE A 330 0.28 12.44 -11.30
CA ILE A 330 -1.03 11.96 -11.72
C ILE A 330 -1.12 11.98 -13.24
N ILE A 331 -1.57 10.85 -13.83
CA ILE A 331 -1.82 10.76 -15.27
C ILE A 331 -3.32 10.58 -15.44
N ILE A 332 -3.97 11.53 -16.10
CA ILE A 332 -5.40 11.49 -16.35
C ILE A 332 -5.60 11.06 -17.79
N PHE A 333 -6.31 9.97 -17.97
CA PHE A 333 -6.63 9.33 -19.23
C PHE A 333 -8.07 9.64 -19.63
N ARG A 334 -8.53 9.00 -20.70
CA ARG A 334 -9.83 9.38 -21.21
C ARG A 334 -10.99 8.56 -20.66
N ASP A 335 -10.78 7.31 -20.23
CA ASP A 335 -11.84 6.59 -19.51
C ASP A 335 -11.27 5.68 -18.43
N SER A 336 -12.17 5.23 -17.55
CA SER A 336 -11.76 4.40 -16.42
C SER A 336 -11.27 3.00 -16.83
N LYS A 337 -11.74 2.44 -17.94
CA LYS A 337 -11.24 1.11 -18.30
C LYS A 337 -9.81 1.19 -18.78
N PHE A 338 -9.51 2.17 -19.63
CA PHE A 338 -8.14 2.36 -20.06
C PHE A 338 -7.28 2.69 -18.87
N ALA A 339 -7.76 3.57 -18.01
CA ALA A 339 -6.98 3.87 -16.84
C ALA A 339 -6.71 2.62 -16.02
N ALA A 340 -7.70 1.74 -15.83
CA ALA A 340 -7.47 0.51 -15.06
C ALA A 340 -6.43 -0.38 -15.73
N LYS A 341 -6.50 -0.49 -17.04
CA LYS A 341 -5.52 -1.30 -17.73
C LYS A 341 -4.14 -0.66 -17.64
N MET A 342 -4.08 0.66 -17.73
CA MET A 342 -2.78 1.32 -17.60
C MET A 342 -2.21 1.15 -16.21
N LEU A 343 -3.08 1.17 -15.22
CA LEU A 343 -2.63 0.92 -13.86
C LEU A 343 -1.92 -0.39 -13.80
N MET A 344 -2.54 -1.41 -14.37
CA MET A 344 -1.93 -2.73 -14.38
C MET A 344 -0.63 -2.78 -15.22
N ILE A 345 -0.64 -2.24 -16.45
CA ILE A 345 0.53 -2.26 -17.33
C ILE A 345 1.73 -1.53 -16.72
N LEU A 346 1.48 -0.37 -16.10
CA LEU A 346 2.58 0.48 -15.65
C LEU A 346 3.26 0.03 -14.36
N ASN A 347 2.56 -0.69 -13.50
CA ASN A 347 3.10 -1.03 -12.19
C ASN A 347 4.33 -1.91 -12.27
N GLY A 348 5.44 -1.39 -11.74
CA GLY A 348 6.67 -2.17 -11.80
C GLY A 348 7.45 -1.93 -13.06
N SER A 349 6.97 -1.08 -13.95
CA SER A 349 7.77 -0.76 -15.10
C SER A 349 9.02 0.00 -14.66
N GLN A 350 9.97 0.17 -15.57
CA GLN A 350 11.20 0.87 -15.24
C GLN A 350 11.19 2.23 -15.90
N PHE A 351 11.52 3.24 -15.10
CA PHE A 351 11.62 4.63 -15.53
C PHE A 351 12.93 5.22 -15.03
N GLN A 352 13.73 5.74 -15.97
CA GLN A 352 15.03 6.34 -15.63
C GLN A 352 15.87 5.37 -14.82
N GLY A 353 15.80 4.11 -15.21
CA GLY A 353 16.57 3.05 -14.59
C GLY A 353 16.11 2.58 -13.24
N LYS A 354 14.98 3.05 -12.75
CA LYS A 354 14.50 2.65 -11.44
C LYS A 354 13.09 2.14 -11.63
N VAL A 355 12.73 1.17 -10.79
CA VAL A 355 11.39 0.66 -10.85
C VAL A 355 10.45 1.68 -10.23
N ILE A 356 9.32 1.91 -10.90
CA ILE A 356 8.26 2.78 -10.40
C ILE A 356 7.01 1.92 -10.20
N ARG A 357 6.13 2.41 -9.35
CA ARG A 357 4.86 1.79 -9.05
C ARG A 357 3.75 2.68 -9.60
N SER A 358 2.60 2.07 -9.84
CA SER A 358 1.37 2.76 -10.19
C SER A 358 0.35 2.43 -9.13
N GLY A 359 -0.68 3.25 -9.04
CA GLY A 359 -1.71 3.02 -8.05
C GLY A 359 -2.70 4.15 -8.00
N THR A 360 -3.66 4.02 -7.10
CA THR A 360 -4.59 5.13 -6.91
C THR A 360 -3.88 6.20 -6.09
N ILE A 361 -4.52 7.36 -5.92
CA ILE A 361 -3.95 8.39 -5.05
C ILE A 361 -3.64 7.82 -3.68
N ASN A 362 -4.56 7.03 -3.12
CA ASN A 362 -4.30 6.51 -1.79
C ASN A 362 -3.10 5.57 -1.80
N ASP A 363 -2.88 4.84 -2.91
CA ASP A 363 -1.67 4.03 -3.01
C ASP A 363 -0.45 4.91 -2.93
N MET A 364 -0.47 6.01 -3.68
CA MET A 364 0.65 6.94 -3.66
C MET A 364 0.87 7.48 -2.26
N LYS A 365 -0.21 7.87 -1.57
CA LYS A 365 -0.08 8.43 -0.22
C LYS A 365 0.46 7.40 0.76
N ARG A 366 -0.10 6.18 0.72
CA ARG A 366 0.33 5.12 1.60
C ARG A 366 1.80 4.80 1.40
N TYR A 367 2.22 4.72 0.15
CA TYR A 367 3.60 4.42 -0.12
C TYR A 367 4.48 5.50 0.51
N TYR A 368 4.08 6.78 0.36
CA TYR A 368 4.88 7.84 0.96
C TYR A 368 4.94 7.71 2.49
N ASN A 369 3.79 7.51 3.15
CA ASN A 369 3.77 7.41 4.61
C ASN A 369 4.61 6.25 5.13
N ASN A 370 4.49 5.11 4.46
CA ASN A 370 5.23 3.90 4.79
C ASN A 370 6.73 4.08 4.65
N GLN A 371 7.19 4.91 3.72
CA GLN A 371 8.64 5.10 3.55
C GLN A 371 9.22 5.95 4.69
N GLN A 372 8.44 6.88 5.25
CA GLN A 372 8.89 7.77 6.34
C GLN A 372 9.16 6.98 7.63
N MET B 1 -3.17 -2.14 -5.69
CA MET B 1 -2.72 -3.53 -5.82
C MET B 1 -2.94 -4.11 -7.24
N LEU B 2 -3.21 -5.41 -7.33
CA LEU B 2 -3.25 -6.13 -8.60
C LEU B 2 -4.68 -6.53 -8.95
N PHE B 3 -5.33 -7.31 -8.08
CA PHE B 3 -6.66 -7.79 -8.42
C PHE B 3 -7.66 -6.66 -8.36
N PHE B 4 -7.32 -5.60 -7.64
CA PHE B 4 -8.18 -4.46 -7.65
C PHE B 4 -8.17 -3.89 -9.05
N SER B 5 -6.99 -3.81 -9.66
CA SER B 5 -6.94 -3.30 -11.01
C SER B 5 -7.60 -4.26 -11.98
N PHE B 6 -7.49 -5.57 -11.70
CA PHE B 6 -8.06 -6.57 -12.59
C PHE B 6 -9.59 -6.42 -12.63
N PHE B 7 -10.19 -6.30 -11.45
CA PHE B 7 -11.64 -6.19 -11.43
C PHE B 7 -12.09 -4.85 -11.98
N LYS B 8 -11.35 -3.76 -11.69
CA LYS B 8 -11.75 -2.49 -12.30
C LYS B 8 -11.76 -2.61 -13.82
N THR B 9 -10.95 -3.51 -14.40
CA THR B 9 -11.06 -3.69 -15.84
C THR B 9 -12.29 -4.49 -16.18
N LEU B 10 -12.81 -5.26 -15.23
CA LEU B 10 -13.98 -6.08 -15.54
C LEU B 10 -15.27 -5.41 -15.15
N VAL B 11 -15.22 -4.15 -14.71
CA VAL B 11 -16.42 -3.43 -14.34
C VAL B 11 -17.28 -3.31 -15.60
N ASP B 12 -18.59 -3.49 -15.45
CA ASP B 12 -19.65 -3.48 -16.47
C ASP B 12 -19.75 -4.82 -17.19
N GLN B 13 -19.05 -5.83 -16.73
CA GLN B 13 -19.13 -7.19 -17.23
C GLN B 13 -20.00 -8.03 -16.31
N GLU B 14 -20.70 -9.00 -16.90
CA GLU B 14 -21.51 -9.96 -16.15
C GLU B 14 -20.61 -11.05 -15.57
N VAL B 15 -20.60 -11.19 -14.25
CA VAL B 15 -19.81 -12.23 -13.60
C VAL B 15 -20.73 -13.07 -12.72
N VAL B 16 -20.18 -14.19 -12.23
CA VAL B 16 -20.84 -15.03 -11.23
C VAL B 16 -19.93 -15.18 -10.02
N VAL B 17 -20.45 -14.78 -8.87
CA VAL B 17 -19.75 -14.85 -7.60
C VAL B 17 -20.28 -16.04 -6.80
N GLU B 18 -19.37 -16.92 -6.37
CA GLU B 18 -19.75 -18.04 -5.52
C GLU B 18 -19.18 -17.68 -4.17
N LEU B 19 -19.97 -17.83 -3.13
CA LEU B 19 -19.51 -17.33 -1.84
C LEU B 19 -19.06 -18.47 -0.95
N LYS B 20 -18.43 -18.07 0.16
CA LYS B 20 -17.94 -19.05 1.12
C LYS B 20 -19.08 -19.86 1.71
N ASN B 21 -20.28 -19.29 1.70
CA ASN B 21 -21.45 -19.98 2.22
C ASN B 21 -22.15 -20.80 1.15
N ASP B 22 -21.64 -20.79 -0.10
CA ASP B 22 -22.02 -21.58 -1.27
C ASP B 22 -23.06 -20.91 -2.16
N ILE B 23 -23.60 -19.76 -1.75
CA ILE B 23 -24.55 -19.05 -2.59
C ILE B 23 -23.86 -18.53 -3.83
N GLU B 24 -24.46 -18.75 -4.99
CA GLU B 24 -23.91 -18.18 -6.22
C GLU B 24 -24.86 -17.09 -6.71
N ILE B 25 -24.28 -15.96 -7.09
CA ILE B 25 -25.01 -14.76 -7.52
C ILE B 25 -24.45 -14.28 -8.84
N LYS B 26 -25.27 -14.32 -9.88
CA LYS B 26 -24.90 -13.82 -11.19
C LYS B 26 -25.32 -12.35 -11.18
N GLY B 27 -24.45 -11.49 -11.68
CA GLY B 27 -24.79 -10.07 -11.65
C GLY B 27 -23.80 -9.26 -12.45
N THR B 28 -24.03 -7.95 -12.48
CA THR B 28 -23.14 -7.04 -13.20
C THR B 28 -22.25 -6.29 -12.21
N LEU B 29 -20.93 -6.41 -12.38
CA LEU B 29 -19.99 -5.71 -11.52
C LEU B 29 -20.13 -4.21 -11.73
N GLN B 30 -20.42 -3.48 -10.65
CA GLN B 30 -20.61 -2.05 -10.65
C GLN B 30 -19.51 -1.25 -9.97
N SER B 31 -18.86 -1.80 -8.95
CA SER B 31 -17.78 -1.10 -8.26
C SER B 31 -16.92 -2.13 -7.53
N VAL B 32 -15.70 -1.71 -7.17
CA VAL B 32 -14.83 -2.52 -6.32
C VAL B 32 -13.94 -1.57 -5.51
N ASP B 33 -13.49 -2.03 -4.35
CA ASP B 33 -12.60 -1.28 -3.45
C ASP B 33 -11.32 -2.07 -3.16
N GLN B 34 -10.41 -1.46 -2.36
CA GLN B 34 -9.13 -2.09 -2.01
C GLN B 34 -9.29 -3.42 -1.28
N PHE B 35 -10.46 -3.71 -0.69
CA PHE B 35 -10.67 -4.99 -0.03
C PHE B 35 -11.36 -5.99 -0.95
N LEU B 36 -11.57 -5.61 -2.20
CA LEU B 36 -12.27 -6.47 -3.13
C LEU B 36 -13.69 -6.71 -2.67
N ASN B 37 -14.28 -5.70 -2.02
CA ASN B 37 -15.73 -5.73 -1.89
C ASN B 37 -16.31 -5.42 -3.26
N LEU B 38 -17.40 -6.09 -3.59
CA LEU B 38 -18.01 -5.95 -4.90
C LEU B 38 -19.40 -5.37 -4.80
N LYS B 39 -19.74 -4.45 -5.67
CA LYS B 39 -21.11 -4.02 -5.75
C LYS B 39 -21.64 -4.55 -7.08
N LEU B 40 -22.52 -5.54 -7.02
CA LEU B 40 -23.16 -6.12 -8.19
C LEU B 40 -24.53 -5.50 -8.38
N ASP B 41 -24.82 -5.03 -9.60
CA ASP B 41 -26.13 -4.53 -9.98
C ASP B 41 -26.93 -5.66 -10.62
N ASN B 42 -28.25 -5.53 -10.53
CA ASN B 42 -29.17 -6.40 -11.24
C ASN B 42 -28.82 -7.87 -11.03
N ILE B 43 -28.72 -8.29 -9.77
CA ILE B 43 -28.21 -9.64 -9.54
C ILE B 43 -29.31 -10.66 -9.83
N SER B 44 -28.90 -11.89 -10.11
CA SER B 44 -29.82 -13.02 -10.19
C SER B 44 -29.11 -14.31 -9.82
N CYS B 45 -29.80 -15.22 -9.13
CA CYS B 45 -29.03 -16.34 -8.62
C CYS B 45 -28.94 -17.39 -9.73
N THR B 46 -27.96 -18.28 -9.63
CA THR B 46 -27.87 -19.40 -10.56
C THR B 46 -28.54 -20.67 -10.08
N ASP B 47 -29.05 -21.44 -11.06
CA ASP B 47 -29.49 -22.83 -10.91
C ASP B 47 -30.54 -23.01 -9.82
N GLU B 48 -30.15 -22.72 -8.59
CA GLU B 48 -31.00 -22.87 -7.41
C GLU B 48 -31.43 -21.50 -6.93
N LYS B 49 -32.19 -20.77 -7.75
CA LYS B 49 -32.77 -19.50 -7.37
C LYS B 49 -33.79 -19.70 -6.26
N LYS B 50 -33.71 -20.83 -5.58
CA LYS B 50 -34.64 -21.27 -4.55
C LYS B 50 -34.55 -20.48 -3.28
N TYR B 51 -33.80 -19.38 -3.20
CA TYR B 51 -33.49 -18.71 -1.94
C TYR B 51 -34.26 -17.40 -2.03
N PRO B 52 -35.53 -17.35 -1.57
CA PRO B 52 -36.32 -16.12 -1.66
C PRO B 52 -35.84 -15.10 -0.65
N HIS B 53 -34.66 -15.42 -0.12
CA HIS B 53 -33.90 -14.44 0.61
C HIS B 53 -33.30 -13.42 -0.35
N LEU B 54 -32.98 -13.84 -1.58
CA LEU B 54 -32.45 -12.92 -2.58
C LEU B 54 -33.33 -12.81 -3.81
N GLY B 55 -32.66 -12.63 -4.95
CA GLY B 55 -33.18 -12.29 -6.25
C GLY B 55 -34.10 -11.08 -6.33
N SER B 56 -34.81 -10.73 -5.26
CA SER B 56 -35.68 -9.56 -5.37
C SER B 56 -34.88 -8.28 -5.10
N VAL B 57 -33.67 -8.44 -4.58
CA VAL B 57 -32.77 -7.35 -4.24
C VAL B 57 -32.13 -6.80 -5.50
N ARG B 58 -32.35 -5.52 -5.77
CA ARG B 58 -31.82 -4.79 -6.91
C ARG B 58 -30.30 -4.97 -7.12
N ASN B 59 -29.51 -4.43 -6.19
CA ASN B 59 -28.06 -4.36 -6.20
C ASN B 59 -27.51 -4.77 -4.85
N ILE B 60 -26.53 -5.66 -4.82
CA ILE B 60 -25.95 -6.03 -3.54
C ILE B 60 -24.48 -5.66 -3.45
N PHE B 61 -24.10 -5.34 -2.22
CA PHE B 61 -22.73 -5.14 -1.80
C PHE B 61 -22.27 -6.47 -1.26
N ILE B 62 -21.05 -6.87 -1.60
CA ILE B 62 -20.52 -8.13 -1.14
C ILE B 62 -19.20 -7.87 -0.43
N ARG B 63 -19.13 -8.36 0.79
CA ARG B 63 -17.96 -8.21 1.62
C ARG B 63 -16.90 -9.11 1.02
N GLY B 64 -15.74 -8.56 0.73
CA GLY B 64 -14.74 -9.31 -0.02
C GLY B 64 -14.38 -10.59 0.68
N SER B 65 -14.27 -10.52 1.99
CA SER B 65 -13.91 -11.67 2.79
C SER B 65 -14.94 -12.80 2.78
N THR B 66 -16.14 -12.58 2.30
CA THR B 66 -17.10 -13.68 2.13
C THR B 66 -17.09 -14.33 0.75
N VAL B 67 -16.32 -13.81 -0.22
CA VAL B 67 -16.27 -14.41 -1.55
C VAL B 67 -15.41 -15.66 -1.53
N ARG B 68 -15.86 -16.71 -2.21
CA ARG B 68 -14.97 -17.84 -2.45
C ARG B 68 -14.40 -17.85 -3.86
N TYR B 69 -15.24 -17.76 -4.88
CA TYR B 69 -14.78 -17.75 -6.27
C TYR B 69 -15.46 -16.61 -6.99
N VAL B 70 -14.78 -16.02 -7.96
CA VAL B 70 -15.45 -15.20 -8.96
C VAL B 70 -15.18 -15.78 -10.34
N TYR B 71 -16.20 -16.38 -10.92
CA TYR B 71 -16.14 -16.98 -12.24
C TYR B 71 -16.23 -15.92 -13.34
N LEU B 72 -15.37 -16.03 -14.35
CA LEU B 72 -15.43 -15.14 -15.50
C LEU B 72 -15.37 -15.96 -16.78
N ASN B 73 -15.47 -15.29 -17.93
CA ASN B 73 -15.25 -15.88 -19.25
C ASN B 73 -13.88 -15.53 -19.80
N LYS B 74 -13.26 -16.49 -20.50
CA LYS B 74 -11.98 -16.24 -21.16
C LYS B 74 -11.97 -15.03 -22.10
N ASN B 75 -13.10 -14.72 -22.76
CA ASN B 75 -13.16 -13.53 -23.62
C ASN B 75 -12.82 -12.26 -22.86
N MET B 76 -13.00 -12.27 -21.54
CA MET B 76 -12.92 -11.09 -20.68
C MET B 76 -11.50 -10.75 -20.25
N VAL B 77 -10.52 -11.61 -20.50
CA VAL B 77 -9.21 -11.41 -19.91
C VAL B 77 -8.10 -11.56 -20.93
N ASP B 78 -7.15 -10.60 -20.88
CA ASP B 78 -5.86 -10.67 -21.59
C ASP B 78 -4.94 -11.46 -20.67
N THR B 79 -4.75 -12.75 -20.94
CA THR B 79 -3.90 -13.50 -20.03
C THR B 79 -2.42 -13.13 -20.13
N ASN B 80 -1.99 -12.53 -21.22
CA ASN B 80 -0.63 -12.03 -21.31
C ASN B 80 -0.43 -10.88 -20.36
N LEU B 81 -1.37 -9.93 -20.40
CA LEU B 81 -1.27 -8.82 -19.47
C LEU B 81 -1.42 -9.30 -18.03
N LEU B 82 -2.24 -10.32 -17.77
CA LEU B 82 -2.40 -10.75 -16.40
C LEU B 82 -1.13 -11.42 -15.88
N GLN B 83 -0.57 -12.33 -16.67
CA GLN B 83 0.68 -12.96 -16.25
C GLN B 83 1.82 -11.98 -16.14
N ASP B 84 1.91 -11.06 -17.08
CA ASP B 84 2.99 -10.09 -17.01
C ASP B 84 2.82 -9.23 -15.75
N ALA B 85 1.59 -8.75 -15.50
CA ALA B 85 1.33 -7.92 -14.33
C ALA B 85 1.68 -8.67 -13.06
N THR B 86 1.31 -9.93 -12.98
CA THR B 86 1.71 -10.71 -11.82
C THR B 86 3.21 -10.71 -11.63
N ARG B 87 3.98 -10.96 -12.70
CA ARG B 87 5.45 -10.94 -12.55
C ARG B 87 5.99 -9.60 -12.08
N ARG B 88 5.44 -8.50 -12.59
CA ARG B 88 5.84 -7.17 -12.12
C ARG B 88 5.48 -6.94 -10.65
N GLU B 89 4.30 -7.41 -10.23
CA GLU B 89 3.83 -7.32 -8.84
C GLU B 89 4.70 -8.17 -7.94
N VAL B 90 4.99 -9.39 -8.41
CA VAL B 90 5.84 -10.39 -7.76
C VAL B 90 7.22 -9.84 -7.43
N MET B 91 7.82 -9.02 -8.30
CA MET B 91 9.08 -8.43 -7.84
C MET B 91 8.82 -7.73 -6.50
N THR B 92 7.73 -6.93 -6.46
CA THR B 92 7.16 -6.18 -5.32
C THR B 92 6.29 -7.01 -4.34
N GLU B 93 6.65 -8.24 -3.93
CA GLU B 93 5.68 -9.14 -3.27
C GLU B 93 5.95 -9.44 -1.79
N ARG B 94 7.05 -8.95 -1.21
CA ARG B 94 7.17 -8.88 0.24
C ARG B 94 6.44 -7.63 0.74
N LYS B 95 5.16 -7.53 0.36
CA LYS B 95 4.29 -6.34 0.54
C LYS B 95 5.04 -5.02 0.40
N MET C 1 12.27 -15.00 -8.13
CA MET C 1 12.82 -16.33 -7.86
C MET C 1 13.43 -16.46 -6.45
N GLU C 2 13.03 -15.54 -5.54
CA GLU C 2 13.59 -15.47 -4.18
C GLU C 2 12.58 -15.85 -3.09
N THR C 3 11.57 -15.00 -2.76
CA THR C 3 10.59 -15.44 -1.76
C THR C 3 9.82 -16.61 -2.35
N PRO C 4 9.07 -17.37 -1.54
CA PRO C 4 8.30 -18.48 -2.15
C PRO C 4 7.32 -18.01 -3.16
N LEU C 5 6.74 -16.83 -2.93
CA LEU C 5 5.85 -16.21 -3.90
C LEU C 5 6.57 -15.96 -5.23
N ASP C 6 7.80 -15.43 -5.19
CA ASP C 6 8.54 -15.24 -6.43
C ASP C 6 8.70 -16.57 -7.18
N LEU C 7 9.03 -17.64 -6.43
CA LEU C 7 9.15 -18.93 -7.07
C LEU C 7 7.83 -19.31 -7.68
N LEU C 8 6.75 -18.93 -7.04
CA LEU C 8 5.48 -19.27 -7.62
C LEU C 8 5.33 -18.55 -8.94
N LYS C 9 5.82 -17.30 -9.07
CA LYS C 9 5.70 -16.70 -10.40
C LYS C 9 6.45 -17.52 -11.45
N LEU C 10 7.43 -18.35 -11.06
CA LEU C 10 8.00 -19.25 -12.08
C LEU C 10 7.00 -20.27 -12.62
N ASN C 11 5.92 -20.55 -11.90
CA ASN C 11 4.91 -21.51 -12.33
C ASN C 11 3.78 -20.88 -13.13
N LEU C 12 3.82 -19.56 -13.35
CA LEU C 12 2.80 -18.88 -14.14
C LEU C 12 2.73 -19.51 -15.52
N ASP C 13 1.50 -19.72 -16.01
CA ASP C 13 1.17 -20.35 -17.29
C ASP C 13 1.43 -21.85 -17.31
N GLU C 14 1.71 -22.45 -16.17
CA GLU C 14 1.92 -23.87 -16.08
C GLU C 14 0.73 -24.47 -15.32
N ARG C 15 0.55 -25.77 -15.42
CA ARG C 15 -0.52 -26.42 -14.69
C ARG C 15 -0.24 -26.46 -13.20
N VAL C 16 -1.16 -25.94 -12.39
CA VAL C 16 -1.04 -26.03 -10.94
C VAL C 16 -2.21 -26.78 -10.29
N TYR C 17 -1.93 -27.27 -9.08
CA TYR C 17 -2.81 -27.96 -8.12
C TYR C 17 -2.96 -27.16 -6.83
N ILE C 18 -4.19 -26.90 -6.39
CA ILE C 18 -4.43 -26.08 -5.21
C ILE C 18 -5.31 -26.86 -4.23
N LYS C 19 -4.92 -26.89 -2.96
CA LYS C 19 -5.78 -27.50 -1.94
C LYS C 19 -6.45 -26.37 -1.20
N LEU C 20 -7.78 -26.47 -1.13
CA LEU C 20 -8.70 -25.52 -0.54
C LEU C 20 -9.41 -26.04 0.69
N ARG C 21 -9.71 -25.09 1.58
CA ARG C 21 -10.61 -25.32 2.69
C ARG C 21 -11.90 -25.95 2.17
N GLY C 22 -12.46 -26.84 2.96
CA GLY C 22 -13.70 -27.44 2.58
C GLY C 22 -13.49 -28.68 1.74
N ALA C 23 -12.41 -29.44 1.99
CA ALA C 23 -12.18 -30.69 1.26
C ALA C 23 -12.32 -30.44 -0.24
N ARG C 24 -11.59 -29.45 -0.75
CA ARG C 24 -11.67 -29.15 -2.18
C ARG C 24 -10.30 -28.98 -2.81
N THR C 25 -10.18 -29.37 -4.10
CA THR C 25 -8.93 -29.16 -4.83
C THR C 25 -9.22 -28.59 -6.21
N LEU C 26 -8.30 -27.77 -6.72
CA LEU C 26 -8.41 -27.22 -8.06
C LEU C 26 -7.19 -27.61 -8.89
N VAL C 27 -7.37 -27.68 -10.21
CA VAL C 27 -6.26 -27.76 -11.16
C VAL C 27 -6.54 -26.83 -12.32
N GLY C 28 -5.54 -26.04 -12.70
CA GLY C 28 -5.75 -25.09 -13.78
C GLY C 28 -4.45 -24.44 -14.18
N THR C 29 -4.55 -23.45 -15.07
CA THR C 29 -3.38 -22.81 -15.63
C THR C 29 -3.25 -21.49 -14.90
N LEU C 30 -2.10 -21.27 -14.26
CA LEU C 30 -1.99 -20.19 -13.30
C LEU C 30 -1.80 -18.87 -14.03
N GLN C 31 -2.81 -18.00 -14.01
CA GLN C 31 -2.75 -16.70 -14.63
C GLN C 31 -2.31 -15.59 -13.68
N ALA C 32 -2.67 -15.68 -12.40
CA ALA C 32 -2.26 -14.58 -11.53
C ALA C 32 -2.33 -14.98 -10.07
N PHE C 33 -1.67 -14.17 -9.24
CA PHE C 33 -1.76 -14.32 -7.80
C PHE C 33 -1.13 -13.08 -7.18
N ASP C 34 -1.50 -12.79 -5.94
CA ASP C 34 -0.91 -11.75 -5.10
C ASP C 34 -0.34 -12.39 -3.82
N SER C 35 0.17 -11.55 -2.92
CA SER C 35 0.70 -12.05 -1.65
C SER C 35 -0.35 -12.61 -0.69
N HIS C 36 -1.63 -12.48 -1.00
CA HIS C 36 -2.61 -13.11 -0.12
C HIS C 36 -2.96 -14.43 -0.70
N CYS C 37 -2.34 -14.72 -1.81
CA CYS C 37 -2.52 -15.97 -2.46
C CYS C 37 -3.88 -16.04 -3.11
N ASN C 38 -4.51 -14.87 -3.30
CA ASN C 38 -5.62 -14.84 -4.23
C ASN C 38 -5.04 -15.27 -5.57
N ILE C 39 -5.83 -15.95 -6.38
CA ILE C 39 -5.29 -16.53 -7.62
C ILE C 39 -6.34 -16.46 -8.72
N VAL C 40 -5.91 -16.16 -9.93
CA VAL C 40 -6.75 -16.39 -11.11
C VAL C 40 -6.21 -17.59 -11.85
N LEU C 41 -7.06 -18.61 -12.01
CA LEU C 41 -6.81 -19.84 -12.76
C LEU C 41 -7.68 -19.86 -14.01
N SER C 42 -7.08 -20.21 -15.13
CA SER C 42 -7.78 -20.46 -16.38
C SER C 42 -7.87 -21.96 -16.62
N ASP C 43 -8.85 -22.36 -17.43
CA ASP C 43 -9.21 -23.76 -17.71
C ASP C 43 -9.18 -24.60 -16.43
N ALA C 44 -9.95 -24.13 -15.45
CA ALA C 44 -9.92 -24.75 -14.14
C ALA C 44 -10.86 -25.94 -14.02
N VAL C 45 -10.54 -26.80 -13.07
CA VAL C 45 -11.35 -27.95 -12.72
C VAL C 45 -11.39 -28.10 -11.21
N GLU C 46 -12.55 -27.87 -10.62
CA GLU C 46 -12.73 -28.01 -9.19
C GLU C 46 -13.19 -29.42 -8.90
N THR C 47 -12.83 -29.89 -7.71
CA THR C 47 -13.16 -31.24 -7.26
C THR C 47 -13.51 -31.15 -5.79
N ILE C 48 -14.76 -31.48 -5.46
CA ILE C 48 -15.21 -31.38 -4.08
C ILE C 48 -15.32 -32.82 -3.58
N TYR C 49 -14.68 -33.10 -2.45
CA TYR C 49 -14.71 -34.42 -1.84
C TYR C 49 -15.74 -34.38 -0.72
N GLN C 50 -16.69 -35.30 -0.73
CA GLN C 50 -17.78 -35.25 0.25
C GLN C 50 -17.95 -36.59 0.94
N LEU C 51 -18.65 -36.56 2.09
CA LEU C 51 -18.97 -37.77 2.86
C LEU C 51 -20.44 -38.13 2.73
N ASN C 52 -20.71 -39.13 1.90
CA ASN C 52 -22.00 -39.79 1.86
C ASN C 52 -21.87 -40.91 2.89
N ASN C 53 -22.41 -40.71 4.11
CA ASN C 53 -22.44 -41.78 5.10
C ASN C 53 -21.04 -42.38 5.21
N GLU C 54 -20.84 -43.53 4.58
CA GLU C 54 -19.56 -44.21 4.64
C GLU C 54 -18.46 -43.41 3.96
N GLU C 55 -18.85 -42.45 3.10
CA GLU C 55 -18.00 -41.42 2.48
C GLU C 55 -17.07 -41.83 1.34
N LEU C 56 -17.03 -40.99 0.28
CA LEU C 56 -16.26 -41.18 -0.96
C LEU C 56 -16.79 -40.41 -2.17
N SER C 57 -17.62 -39.37 -2.00
CA SER C 57 -18.04 -38.82 -3.28
C SER C 57 -17.04 -37.81 -3.80
N GLU C 58 -17.10 -37.60 -5.12
CA GLU C 58 -16.15 -36.75 -5.86
C GLU C 58 -16.90 -35.98 -6.96
N SER C 59 -17.36 -34.77 -6.64
CA SER C 59 -18.06 -34.03 -7.67
C SER C 59 -17.08 -33.10 -8.34
N GLU C 60 -17.43 -32.60 -9.52
CA GLU C 60 -16.47 -31.84 -10.30
C GLU C 60 -17.18 -30.67 -10.97
N ARG C 61 -16.45 -29.55 -11.06
CA ARG C 61 -16.87 -28.37 -11.79
C ARG C 61 -15.76 -27.99 -12.76
N ARG C 62 -16.11 -27.31 -13.83
CA ARG C 62 -15.12 -26.90 -14.81
C ARG C 62 -15.40 -25.44 -15.13
N CYS C 63 -14.37 -24.65 -15.39
CA CYS C 63 -14.66 -23.26 -15.65
C CYS C 63 -13.57 -22.64 -16.50
N GLU C 64 -13.96 -21.63 -17.28
CA GLU C 64 -13.04 -20.99 -18.21
C GLU C 64 -11.95 -20.24 -17.47
N MET C 65 -12.38 -19.38 -16.54
CA MET C 65 -11.57 -18.35 -15.90
C MET C 65 -12.16 -18.14 -14.51
N VAL C 66 -11.35 -18.24 -13.47
CA VAL C 66 -11.91 -18.22 -12.12
C VAL C 66 -10.98 -17.49 -11.15
N PHE C 67 -11.53 -16.51 -10.43
CA PHE C 67 -10.83 -15.89 -9.31
C PHE C 67 -11.05 -16.72 -8.05
N ILE C 68 -10.00 -16.85 -7.24
CA ILE C 68 -10.02 -17.68 -6.04
C ILE C 68 -9.51 -16.83 -4.89
N ARG C 69 -10.32 -16.66 -3.86
CA ARG C 69 -9.89 -15.79 -2.76
C ARG C 69 -8.81 -16.49 -1.95
N GLY C 70 -7.70 -15.79 -1.73
CA GLY C 70 -6.53 -16.42 -1.15
C GLY C 70 -6.81 -17.05 0.18
N ASP C 71 -7.72 -16.47 0.98
CA ASP C 71 -7.89 -16.99 2.34
C ASP C 71 -8.49 -18.42 2.36
N THR C 72 -9.02 -18.91 1.24
CA THR C 72 -9.45 -20.30 1.23
C THR C 72 -8.32 -21.22 0.80
N VAL C 73 -7.21 -20.67 0.31
CA VAL C 73 -6.15 -21.50 -0.26
C VAL C 73 -5.27 -21.99 0.88
N THR C 74 -5.12 -23.32 0.97
CA THR C 74 -4.26 -23.98 1.93
C THR C 74 -2.92 -24.47 1.39
N LEU C 75 -2.84 -24.93 0.13
CA LEU C 75 -1.50 -25.23 -0.39
C LEU C 75 -1.50 -25.17 -1.92
N ILE C 76 -0.36 -24.83 -2.51
CA ILE C 76 -0.21 -24.87 -3.97
C ILE C 76 0.96 -25.73 -4.41
N SER C 77 0.75 -26.56 -5.43
CA SER C 77 1.84 -27.34 -6.03
C SER C 77 1.50 -27.60 -7.50
N THR C 78 2.11 -28.62 -8.08
CA THR C 78 1.83 -28.96 -9.48
C THR C 78 1.22 -30.36 -9.58
N PRO C 79 0.34 -30.60 -10.55
CA PRO C 79 -0.52 -31.78 -10.64
C PRO C 79 0.27 -33.08 -10.63
N LEU D 2 -19.95 6.94 11.60
CA LEU D 2 -20.94 7.16 12.66
C LEU D 2 -20.99 6.08 13.77
N PRO D 3 -20.65 4.79 13.47
CA PRO D 3 -20.66 3.78 14.55
C PRO D 3 -19.82 4.15 15.77
N LEU D 4 -18.54 4.39 15.52
CA LEU D 4 -17.59 4.61 16.61
C LEU D 4 -17.94 5.86 17.42
N TYR D 5 -18.28 6.96 16.75
CA TYR D 5 -18.65 8.20 17.46
C TYR D 5 -20.02 8.08 18.09
N LEU D 6 -20.89 7.24 17.54
CA LEU D 6 -22.14 6.90 18.20
C LEU D 6 -21.89 6.13 19.50
N LEU D 7 -20.76 5.42 19.61
CA LEU D 7 -20.44 4.77 20.88
C LEU D 7 -19.70 5.68 21.87
N THR D 8 -18.73 6.47 21.40
CA THR D 8 -18.02 7.34 22.36
C THR D 8 -18.90 8.48 22.84
N ASN D 9 -19.76 9.04 21.98
CA ASN D 9 -20.62 10.12 22.43
C ASN D 9 -21.88 9.62 23.13
N ALA D 10 -22.18 8.33 23.05
CA ALA D 10 -23.17 7.68 23.91
C ALA D 10 -22.53 7.09 25.16
N LYS D 11 -21.51 7.78 25.66
CA LYS D 11 -20.73 7.37 26.83
C LYS D 11 -21.62 7.45 28.08
N GLY D 12 -22.37 6.37 28.30
CA GLY D 12 -23.15 6.23 29.52
C GLY D 12 -24.43 5.41 29.46
N GLN D 13 -24.76 4.86 28.29
CA GLN D 13 -26.05 4.21 28.10
C GLN D 13 -26.00 2.72 28.47
N GLN D 14 -27.18 2.18 28.77
CA GLN D 14 -27.33 0.75 29.05
C GLN D 14 -27.35 -0.03 27.74
N MET D 15 -26.36 -0.91 27.56
CA MET D 15 -26.22 -1.64 26.32
C MET D 15 -26.00 -3.13 26.59
N GLN D 16 -26.25 -3.91 25.54
CA GLN D 16 -26.39 -5.38 25.58
C GLN D 16 -25.43 -5.96 24.53
N ILE D 17 -24.22 -6.28 24.97
CA ILE D 17 -23.20 -6.82 24.09
C ILE D 17 -23.34 -8.34 24.05
N GLU D 18 -23.28 -8.91 22.85
CA GLU D 18 -23.12 -10.34 22.68
C GLU D 18 -21.72 -10.63 22.19
N LEU D 19 -21.02 -11.53 22.87
CA LEU D 19 -19.67 -11.88 22.45
C LEU D 19 -19.70 -13.09 21.53
N LYS D 20 -18.58 -13.28 20.82
CA LYS D 20 -18.52 -14.24 19.71
C LYS D 20 -18.74 -15.68 20.16
N ASN D 21 -18.33 -16.02 21.39
CA ASN D 21 -18.65 -17.29 22.03
C ASN D 21 -20.17 -17.40 22.42
N GLY D 22 -21.02 -16.45 21.99
CA GLY D 22 -22.39 -16.38 22.43
C GLY D 22 -22.58 -15.80 23.81
N GLU D 23 -21.51 -15.69 24.60
CA GLU D 23 -21.57 -15.29 26.00
C GLU D 23 -22.07 -13.85 26.13
N ILE D 24 -23.35 -13.67 26.54
CA ILE D 24 -23.96 -12.33 26.54
C ILE D 24 -23.55 -11.55 27.79
N ILE D 25 -23.64 -10.22 27.69
CA ILE D 25 -23.17 -9.30 28.72
C ILE D 25 -24.04 -8.05 28.65
N GLN D 26 -24.45 -7.53 29.81
CA GLN D 26 -25.25 -6.31 29.88
C GLN D 26 -24.59 -5.32 30.84
N GLY D 27 -24.70 -4.02 30.54
CA GLY D 27 -24.21 -3.05 31.50
C GLY D 27 -24.20 -1.63 30.96
N ILE D 28 -23.54 -0.75 31.74
CA ILE D 28 -23.35 0.66 31.40
C ILE D 28 -21.90 0.86 30.99
N LEU D 29 -21.70 1.60 29.90
CA LEU D 29 -20.39 1.78 29.28
C LEU D 29 -19.72 3.07 29.71
N THR D 30 -18.42 3.01 29.93
CA THR D 30 -17.61 4.15 30.35
C THR D 30 -16.73 4.71 29.25
N ASN D 31 -16.05 3.87 28.47
CA ASN D 31 -15.17 4.38 27.42
C ASN D 31 -15.15 3.40 26.26
N VAL D 32 -14.97 3.95 25.05
CA VAL D 32 -14.86 3.19 23.82
C VAL D 32 -13.55 3.58 23.17
N ASP D 33 -12.80 2.58 22.69
CA ASP D 33 -11.56 2.77 21.95
C ASP D 33 -11.85 2.98 20.46
N ASN D 34 -10.78 3.37 19.74
CA ASN D 34 -10.86 3.43 18.28
C ASN D 34 -11.06 2.04 17.69
N TRP D 35 -10.49 1.02 18.33
CA TRP D 35 -10.74 -0.38 17.98
C TRP D 35 -12.10 -0.87 18.47
N MET D 36 -12.87 -0.02 19.13
CA MET D 36 -14.12 -0.42 19.73
C MET D 36 -13.92 -1.35 20.92
N ASN D 37 -12.81 -1.19 21.66
CA ASN D 37 -12.74 -1.76 23.01
C ASN D 37 -13.85 -1.15 23.86
N LEU D 38 -14.41 -1.95 24.77
CA LEU D 38 -15.58 -1.53 25.54
C LEU D 38 -15.32 -1.73 27.02
N THR D 39 -15.22 -0.64 27.78
CA THR D 39 -15.10 -0.70 29.23
C THR D 39 -16.47 -0.46 29.84
N LEU D 40 -16.90 -1.35 30.74
CA LEU D 40 -18.26 -1.33 31.28
C LEU D 40 -18.26 -1.62 32.78
N SER D 41 -19.43 -1.40 33.38
CA SER D 41 -19.73 -1.81 34.74
C SER D 41 -21.21 -2.21 34.79
N ASN D 42 -21.65 -2.70 35.96
CA ASN D 42 -23.00 -3.22 36.16
C ASN D 42 -23.26 -4.43 35.24
N VAL D 43 -22.56 -5.52 35.54
CA VAL D 43 -22.29 -6.55 34.54
C VAL D 43 -22.92 -7.89 34.91
N THR D 44 -23.23 -8.68 33.87
CA THR D 44 -23.74 -10.07 34.00
C THR D 44 -22.83 -11.04 33.23
N ILE D 69 -15.89 -4.58 33.45
CA ILE D 69 -15.30 -5.44 32.41
C ILE D 69 -14.73 -4.67 31.21
N TYR D 70 -13.50 -4.99 30.81
CA TYR D 70 -12.89 -4.53 29.56
C TYR D 70 -13.05 -5.63 28.52
N ILE D 71 -13.66 -5.28 27.38
CA ILE D 71 -13.95 -6.23 26.31
C ILE D 71 -13.17 -5.80 25.08
N ARG D 72 -12.34 -6.70 24.58
CA ARG D 72 -11.63 -6.45 23.33
C ARG D 72 -12.64 -6.30 22.20
N GLY D 73 -12.46 -5.23 21.41
CA GLY D 73 -13.39 -4.97 20.31
C GLY D 73 -13.52 -6.14 19.36
N THR D 74 -12.39 -6.78 19.00
CA THR D 74 -12.46 -7.92 18.09
C THR D 74 -13.30 -9.07 18.65
N PHE D 75 -13.66 -9.02 19.92
CA PHE D 75 -14.40 -10.08 20.59
C PHE D 75 -15.89 -9.78 20.66
N ILE D 76 -16.36 -8.80 19.91
CA ILE D 76 -17.77 -8.43 19.86
C ILE D 76 -18.41 -9.12 18.66
N LYS D 77 -19.64 -9.63 18.85
CA LYS D 77 -20.45 -10.09 17.73
C LYS D 77 -21.35 -8.96 17.25
N PHE D 78 -22.22 -8.44 18.12
CA PHE D 78 -22.98 -7.23 17.86
C PHE D 78 -23.48 -6.68 19.18
N ILE D 79 -24.09 -5.49 19.10
CA ILE D 79 -24.51 -4.74 20.29
C ILE D 79 -25.94 -4.26 20.08
N LYS D 80 -26.86 -4.75 20.92
CA LYS D 80 -28.21 -4.20 20.99
C LYS D 80 -28.21 -3.01 21.94
N LEU D 81 -28.74 -1.89 21.47
CA LEU D 81 -28.64 -0.62 22.18
C LEU D 81 -30.01 -0.20 22.73
N GLN D 82 -30.03 0.95 23.42
CA GLN D 82 -31.24 1.45 24.05
C GLN D 82 -31.21 2.97 24.06
N ASP D 83 -32.24 3.58 23.46
CA ASP D 83 -32.64 4.99 23.55
C ASP D 83 -33.49 5.36 22.34
N ASN D 84 -32.81 5.74 21.25
CA ASN D 84 -33.44 6.17 20.01
C ASN D 84 -33.87 4.96 19.18
N LEU E 7 7.35 -6.11 34.37
CA LEU E 7 7.06 -6.02 32.95
C LEU E 7 7.13 -7.36 32.25
N PRO E 8 6.07 -7.74 31.54
CA PRO E 8 6.05 -9.05 30.85
C PRO E 8 7.28 -9.35 30.00
N LEU E 9 7.65 -8.42 29.12
CA LEU E 9 8.80 -8.63 28.23
C LEU E 9 10.12 -8.75 29.00
N GLU E 10 10.25 -8.03 30.11
CA GLU E 10 11.47 -8.20 30.89
C GLU E 10 11.54 -9.62 31.46
N VAL E 11 10.40 -10.17 31.90
CA VAL E 11 10.34 -11.56 32.32
C VAL E 11 10.73 -12.51 31.18
N ILE E 12 10.16 -12.27 29.99
CA ILE E 12 10.44 -13.17 28.88
C ILE E 12 11.91 -13.11 28.50
N ASP E 13 12.49 -11.90 28.51
CA ASP E 13 13.91 -11.73 28.24
C ASP E 13 14.72 -12.54 29.24
N LYS E 14 14.40 -12.38 30.53
CA LYS E 14 15.04 -13.10 31.62
C LYS E 14 14.82 -14.62 31.55
N THR E 15 14.04 -15.11 30.57
CA THR E 15 13.78 -16.55 30.46
C THR E 15 14.62 -17.20 29.38
N ILE E 16 15.31 -16.41 28.55
CA ILE E 16 16.18 -16.93 27.51
C ILE E 16 17.26 -17.82 28.09
N ASN E 17 17.42 -19.01 27.50
CA ASN E 17 18.27 -20.13 27.92
C ASN E 17 17.68 -20.91 29.09
N GLN E 18 16.51 -20.53 29.58
CA GLN E 18 15.80 -21.36 30.55
C GLN E 18 14.76 -22.19 29.80
N LYS E 19 14.27 -23.24 30.47
CA LYS E 19 13.05 -23.93 30.04
C LYS E 19 11.85 -22.99 30.12
N VAL E 20 10.96 -23.11 29.14
CA VAL E 20 9.71 -22.38 29.09
C VAL E 20 8.62 -23.30 28.57
N LEU E 21 7.40 -23.04 29.03
CA LEU E 21 6.21 -23.69 28.51
C LEU E 21 5.40 -22.66 27.73
N ILE E 22 5.12 -22.96 26.47
CA ILE E 22 4.38 -22.08 25.59
C ILE E 22 3.00 -22.70 25.39
N VAL E 23 1.95 -22.00 25.82
CA VAL E 23 0.59 -22.47 25.69
C VAL E 23 -0.09 -21.71 24.56
N LEU E 24 -0.73 -22.43 23.65
CA LEU E 24 -1.43 -21.83 22.51
C LEU E 24 -2.87 -21.48 22.84
N GLN E 25 -3.58 -20.93 21.84
CA GLN E 25 -5.01 -20.68 22.01
C GLN E 25 -5.77 -21.99 22.11
N SER E 26 -5.39 -22.94 21.26
CA SER E 26 -5.91 -24.31 21.29
C SER E 26 -5.32 -25.08 22.47
N ASN E 27 -5.70 -26.34 22.57
CA ASN E 27 -5.21 -27.17 23.66
C ASN E 27 -3.93 -27.85 23.16
N ARG E 28 -2.88 -27.05 23.14
CA ARG E 28 -1.58 -27.47 22.64
C ARG E 28 -0.55 -26.58 23.31
N GLU E 29 0.57 -27.20 23.68
CA GLU E 29 1.65 -26.47 24.31
C GLU E 29 2.97 -27.11 23.91
N PHE E 30 4.02 -26.34 24.01
CA PHE E 30 5.35 -26.79 23.63
C PHE E 30 6.21 -26.46 24.84
N GLU E 31 6.91 -27.45 25.37
CA GLU E 31 7.84 -27.21 26.46
C GLU E 31 9.24 -27.36 25.88
N GLY E 32 10.13 -26.46 26.23
CA GLY E 32 11.45 -26.51 25.61
C GLY E 32 12.31 -25.40 26.14
N THR E 33 13.54 -25.35 25.64
CA THR E 33 14.46 -24.30 26.06
C THR E 33 14.24 -23.07 25.21
N LEU E 34 14.09 -21.92 25.85
CA LEU E 34 13.79 -20.74 25.07
C LEU E 34 15.09 -20.19 24.51
N VAL E 35 15.15 -20.11 23.20
CA VAL E 35 16.35 -19.63 22.54
C VAL E 35 16.24 -18.13 22.32
N GLY E 36 15.08 -17.66 21.90
CA GLY E 36 14.97 -16.22 21.66
C GLY E 36 13.59 -15.86 21.17
N PHE E 37 13.35 -14.55 21.04
CA PHE E 37 12.06 -14.14 20.51
C PHE E 37 12.21 -12.78 19.84
N ASP E 38 11.20 -12.42 19.05
CA ASP E 38 11.19 -11.13 18.39
C ASP E 38 10.08 -10.22 18.91
N ASP E 39 9.93 -9.07 18.22
CA ASP E 39 8.94 -8.05 18.58
C ASP E 39 7.51 -8.59 18.55
N PHE E 40 7.17 -9.42 17.57
CA PHE E 40 5.80 -9.97 17.45
C PHE E 40 5.63 -11.19 18.32
N VAL E 41 6.61 -11.44 19.19
CA VAL E 41 6.71 -12.57 20.11
C VAL E 41 6.63 -13.90 19.39
N ASN E 42 7.23 -13.95 18.20
CA ASN E 42 7.58 -15.24 17.62
C ASN E 42 8.71 -15.83 18.46
N VAL E 43 8.64 -17.12 18.77
CA VAL E 43 9.57 -17.70 19.73
C VAL E 43 10.44 -18.79 19.09
N ILE E 44 11.73 -18.75 19.40
CA ILE E 44 12.70 -19.77 19.06
C ILE E 44 12.88 -20.67 20.26
N LEU E 45 12.50 -21.95 20.11
CA LEU E 45 12.61 -22.99 21.13
C LEU E 45 13.64 -24.04 20.73
N GLU E 46 14.31 -24.62 21.73
CA GLU E 46 15.29 -25.68 21.51
C GLU E 46 14.79 -27.00 22.10
N ASP E 47 14.92 -28.05 21.29
CA ASP E 47 14.55 -29.44 21.64
C ASP E 47 13.17 -29.50 22.32
N ALA E 48 12.19 -29.00 21.57
CA ALA E 48 10.83 -28.83 22.07
C ALA E 48 10.00 -30.12 22.08
N VAL E 49 9.29 -30.34 23.17
CA VAL E 49 8.23 -31.34 23.25
C VAL E 49 6.92 -30.67 22.87
N GLU E 50 6.16 -31.30 21.98
CA GLU E 50 4.85 -30.82 21.56
C GLU E 50 3.78 -31.65 22.23
N TRP E 51 2.89 -31.02 22.99
CA TRP E 51 1.76 -31.67 23.66
C TRP E 51 0.42 -31.22 23.10
N LEU E 52 -0.47 -32.19 22.87
CA LEU E 52 -1.91 -31.95 22.87
C LEU E 52 -2.39 -32.17 24.30
N ILE E 53 -3.26 -31.28 24.78
CA ILE E 53 -3.71 -31.32 26.17
C ILE E 53 -5.19 -31.62 26.27
N ASP E 54 -5.53 -32.63 27.08
CA ASP E 54 -6.92 -33.00 27.38
C ASP E 54 -7.48 -32.04 28.42
N PRO E 55 -8.61 -31.36 28.15
CA PRO E 55 -9.15 -30.44 29.16
C PRO E 55 -9.50 -31.06 30.51
N GLU E 56 -10.04 -32.29 30.54
CA GLU E 56 -10.48 -32.87 31.81
C GLU E 56 -9.37 -33.54 32.62
N ASP E 57 -8.52 -34.34 31.98
CA ASP E 57 -7.53 -35.10 32.71
C ASP E 57 -6.14 -34.88 32.13
N GLU E 58 -5.30 -34.16 32.87
CA GLU E 58 -3.91 -33.90 32.50
C GLU E 58 -3.06 -35.17 32.41
N SER E 59 -3.58 -36.32 32.87
CA SER E 59 -2.85 -37.58 32.73
C SER E 59 -3.08 -38.21 31.36
N ARG E 60 -4.27 -38.04 30.78
CA ARG E 60 -4.59 -38.56 29.47
C ARG E 60 -4.24 -37.56 28.38
N ASN E 61 -3.28 -36.70 28.68
CA ASN E 61 -2.62 -35.80 27.74
C ASN E 61 -1.86 -36.63 26.72
N GLU E 62 -1.63 -36.06 25.54
CA GLU E 62 -1.00 -36.81 24.47
C GLU E 62 0.26 -36.08 24.01
N LYS E 63 1.40 -36.78 24.10
CA LYS E 63 2.66 -36.29 23.58
C LYS E 63 2.60 -36.47 22.06
N VAL E 64 2.48 -35.34 21.34
CA VAL E 64 2.38 -35.35 19.89
C VAL E 64 3.71 -35.59 19.21
N MET E 65 4.78 -34.94 19.66
CA MET E 65 6.06 -35.22 19.05
C MET E 65 7.17 -34.72 19.96
N GLN E 66 8.33 -35.37 19.85
CA GLN E 66 9.58 -34.87 20.42
C GLN E 66 10.38 -34.18 19.33
N HIS E 67 10.57 -32.87 19.45
CA HIS E 67 11.34 -32.18 18.42
C HIS E 67 12.80 -32.17 18.85
N HIS E 68 13.69 -32.21 17.86
CA HIS E 68 15.11 -32.03 18.13
C HIS E 68 15.57 -30.85 17.31
N GLY E 69 16.51 -30.10 17.85
CA GLY E 69 16.93 -28.89 17.20
C GLY E 69 16.08 -27.70 17.62
N ARG E 70 16.15 -26.67 16.81
CA ARG E 70 15.44 -25.43 17.10
C ARG E 70 14.17 -25.36 16.26
N MET E 71 13.13 -24.75 16.85
CA MET E 71 11.86 -24.46 16.20
C MET E 71 11.47 -22.99 16.26
N LEU E 72 10.81 -22.52 15.21
CA LEU E 72 10.19 -21.19 15.22
C LEU E 72 8.69 -21.40 15.43
N LEU E 73 8.16 -20.89 16.53
CA LEU E 73 6.76 -21.03 16.86
C LEU E 73 6.14 -19.66 16.66
N SER E 74 5.19 -19.57 15.74
CA SER E 74 4.61 -18.27 15.40
C SER E 74 3.79 -17.70 16.56
N GLY E 75 4.02 -16.42 16.88
CA GLY E 75 3.40 -15.84 18.05
C GLY E 75 1.94 -15.49 17.88
N ASN E 76 1.40 -15.72 16.67
CA ASN E 76 -0.02 -15.64 16.37
C ASN E 76 -0.86 -16.32 17.44
N ASN E 77 -0.47 -17.54 17.78
CA ASN E 77 -1.30 -18.40 18.59
C ASN E 77 -0.79 -18.52 20.01
N ILE E 78 0.27 -17.80 20.38
CA ILE E 78 0.85 -18.00 21.70
C ILE E 78 -0.04 -17.26 22.71
N ALA E 79 -0.71 -18.01 23.58
CA ALA E 79 -1.56 -17.42 24.59
C ALA E 79 -0.83 -17.15 25.90
N ILE E 80 -0.07 -18.11 26.41
CA ILE E 80 0.44 -18.05 27.78
C ILE E 80 1.90 -18.51 27.77
N LEU E 81 2.77 -17.76 28.42
CA LEU E 81 4.15 -18.19 28.62
C LEU E 81 4.40 -18.46 30.10
N VAL E 82 4.82 -19.68 30.40
CA VAL E 82 5.10 -20.14 31.76
C VAL E 82 6.59 -20.42 31.89
N PRO E 83 7.38 -19.57 32.53
CA PRO E 83 8.81 -19.89 32.70
C PRO E 83 8.99 -21.14 33.55
N GLY E 84 9.94 -22.01 33.15
CA GLY E 84 10.20 -23.24 33.85
C GLY E 84 9.40 -24.45 33.42
N GLY E 85 8.32 -24.27 32.68
CA GLY E 85 7.55 -25.40 32.17
C GLY E 85 6.59 -25.99 33.19
N SER F 12 15.37 -10.20 15.04
CA SER F 12 16.36 -10.75 14.12
C SER F 12 16.63 -12.22 14.48
N VAL F 13 16.72 -12.59 15.77
CA VAL F 13 17.05 -13.98 16.13
C VAL F 13 16.16 -14.95 15.33
N THR F 14 14.94 -14.53 15.02
CA THR F 14 13.99 -15.37 14.31
C THR F 14 14.35 -15.38 12.83
N THR F 15 14.68 -14.21 12.27
CA THR F 15 15.10 -14.15 10.87
C THR F 15 16.46 -14.80 10.68
N GLU F 16 17.35 -14.71 11.69
CA GLU F 16 18.64 -15.38 11.55
C GLU F 16 18.41 -16.87 11.54
N PHE F 17 17.40 -17.31 12.29
CA PHE F 17 17.03 -18.71 12.30
C PHE F 17 16.50 -19.15 10.93
N LEU F 18 15.62 -18.34 10.33
CA LEU F 18 15.11 -18.67 9.01
C LEU F 18 16.25 -18.70 8.02
N SER F 19 17.20 -17.80 8.20
CA SER F 19 18.35 -17.73 7.32
C SER F 19 19.10 -19.04 7.39
N ASP F 20 19.34 -19.52 8.61
CA ASP F 20 20.12 -20.73 8.78
C ASP F 20 19.27 -22.02 8.82
N ILE F 21 18.10 -22.06 8.19
CA ILE F 21 17.44 -23.35 7.92
C ILE F 21 17.03 -23.43 6.47
N ILE F 22 17.26 -22.37 5.68
CA ILE F 22 17.08 -22.51 4.26
C ILE F 22 17.93 -23.68 3.79
N GLY F 23 17.29 -24.63 3.11
CA GLY F 23 17.97 -25.77 2.58
C GLY F 23 17.95 -26.99 3.48
N LYS F 24 17.71 -26.84 4.78
CA LYS F 24 17.67 -28.00 5.65
C LYS F 24 16.31 -28.67 5.55
N THR F 25 16.27 -29.97 5.88
CA THR F 25 14.97 -30.64 5.97
C THR F 25 14.26 -30.15 7.22
N VAL F 26 12.97 -29.80 7.08
CA VAL F 26 12.18 -29.33 8.20
C VAL F 26 10.82 -30.02 8.24
N ASN F 27 10.14 -29.79 9.38
CA ASN F 27 8.72 -30.02 9.60
C ASN F 27 8.02 -28.68 9.79
N VAL F 28 6.95 -28.46 9.05
CA VAL F 28 6.12 -27.25 9.11
C VAL F 28 4.69 -27.67 9.43
N LYS F 29 4.23 -27.29 10.61
CA LYS F 29 2.88 -27.60 11.02
C LYS F 29 2.05 -26.35 10.84
N LEU F 30 0.90 -26.52 10.20
CA LEU F 30 -0.09 -25.50 9.91
C LEU F 30 -1.01 -25.34 11.12
N ALA F 31 -1.85 -24.31 11.09
CA ALA F 31 -2.80 -24.14 12.18
C ALA F 31 -3.82 -25.27 12.24
N SER F 32 -4.20 -25.82 11.08
CA SER F 32 -5.12 -26.95 11.05
C SER F 32 -4.51 -28.22 11.61
N GLY F 33 -3.20 -28.23 11.87
CA GLY F 33 -2.52 -29.41 12.33
C GLY F 33 -1.92 -30.27 11.24
N LEU F 34 -2.14 -29.94 9.98
CA LEU F 34 -1.45 -30.59 8.88
C LEU F 34 0.06 -30.31 8.95
N LEU F 35 0.85 -31.35 8.67
CA LEU F 35 2.30 -31.35 8.84
C LEU F 35 2.99 -31.68 7.54
N TYR F 36 3.93 -30.82 7.14
CA TYR F 36 4.66 -30.96 5.88
C TYR F 36 6.11 -31.21 6.24
N SER F 37 6.70 -32.23 5.62
CA SER F 37 8.10 -32.51 5.81
C SER F 37 8.80 -32.39 4.47
N GLY F 38 9.99 -31.81 4.48
CA GLY F 38 10.72 -31.76 3.23
C GLY F 38 11.84 -30.77 3.35
N ARG F 39 12.36 -30.34 2.20
CA ARG F 39 13.53 -29.48 2.15
C ARG F 39 13.00 -28.08 2.01
N LEU F 40 13.50 -27.17 2.83
CA LEU F 40 12.97 -25.80 2.80
C LEU F 40 13.67 -25.09 1.65
N GLU F 41 12.97 -24.97 0.52
CA GLU F 41 13.51 -24.21 -0.60
C GLU F 41 13.50 -22.71 -0.31
N SER F 42 12.42 -22.19 0.27
CA SER F 42 12.39 -20.74 0.53
C SER F 42 11.43 -20.39 1.66
N ILE F 43 11.73 -19.27 2.35
CA ILE F 43 10.83 -18.71 3.34
C ILE F 43 11.01 -17.19 3.38
N ASP F 44 9.92 -16.45 3.57
CA ASP F 44 10.00 -15.01 3.68
C ASP F 44 9.64 -14.52 5.09
N GLY F 45 9.58 -13.20 5.23
CA GLY F 45 9.28 -12.58 6.51
C GLY F 45 7.89 -12.90 7.03
N PHE F 46 6.97 -13.19 6.12
CA PHE F 46 5.61 -13.58 6.48
C PHE F 46 5.47 -15.07 6.74
N MET F 47 6.57 -15.78 6.72
CA MET F 47 6.60 -17.22 6.93
C MET F 47 5.83 -18.00 5.85
N ASN F 48 5.66 -17.43 4.66
CA ASN F 48 5.33 -18.26 3.51
C ASN F 48 6.46 -19.23 3.22
N VAL F 49 6.11 -20.44 2.80
CA VAL F 49 7.12 -21.47 2.69
C VAL F 49 7.05 -22.16 1.33
N ALA F 50 8.21 -22.42 0.72
CA ALA F 50 8.28 -23.39 -0.38
C ALA F 50 9.15 -24.56 0.04
N LEU F 51 8.63 -25.78 -0.18
CA LEU F 51 9.34 -27.00 0.16
C LEU F 51 9.45 -27.98 -1.00
N SER F 52 10.65 -28.50 -1.23
CA SER F 52 10.92 -29.57 -2.18
C SER F 52 10.90 -30.93 -1.50
N SER F 53 10.43 -31.95 -2.23
CA SER F 53 10.35 -33.33 -1.74
C SER F 53 9.47 -33.45 -0.50
N ALA F 54 8.38 -32.69 -0.50
CA ALA F 54 7.48 -32.54 0.63
C ALA F 54 6.52 -33.74 0.79
N THR F 55 6.45 -34.30 1.98
CA THR F 55 5.37 -35.18 2.40
C THR F 55 4.32 -34.43 3.24
N GLU F 56 3.08 -34.91 3.17
CA GLU F 56 1.96 -34.35 3.96
C GLU F 56 1.36 -35.42 4.87
N HIS F 57 1.41 -35.21 6.18
CA HIS F 57 0.78 -36.03 7.21
C HIS F 57 -0.11 -35.18 8.12
N TYR F 58 -1.04 -35.80 8.85
CA TYR F 58 -1.79 -35.06 9.87
C TYR F 58 -1.07 -35.25 11.21
N GLU F 59 -0.55 -34.15 11.77
CA GLU F 59 0.09 -34.11 13.10
C GLU F 59 1.45 -34.79 13.25
N SER F 60 1.58 -36.04 12.82
CA SER F 60 2.83 -36.75 12.94
C SER F 60 3.21 -37.43 11.65
N ASN F 61 4.51 -37.53 11.42
CA ASN F 61 5.01 -38.29 10.29
C ASN F 61 4.61 -39.76 10.44
N ASN F 62 4.41 -40.21 11.68
CA ASN F 62 4.00 -41.59 11.95
C ASN F 62 2.55 -41.88 11.56
N ASN F 63 1.77 -40.88 11.21
CA ASN F 63 0.38 -41.08 10.86
C ASN F 63 0.23 -41.35 9.35
N LYS F 64 -0.99 -41.64 8.92
CA LYS F 64 -1.30 -41.91 7.52
C LYS F 64 -0.82 -40.80 6.58
N LEU F 65 -0.16 -41.19 5.48
CA LEU F 65 0.29 -40.30 4.42
C LEU F 65 -0.85 -39.70 3.59
N LEU F 66 -0.97 -38.37 3.54
CA LEU F 66 -2.05 -37.70 2.81
C LEU F 66 -1.65 -37.33 1.37
N ASN F 67 -0.43 -36.84 1.16
CA ASN F 67 0.12 -36.48 -0.15
C ASN F 67 1.65 -36.58 -0.14
N LYS F 68 2.18 -37.07 -1.25
CA LYS F 68 3.60 -36.98 -1.51
C LYS F 68 3.69 -36.06 -2.73
N PHE F 69 4.55 -35.04 -2.67
CA PHE F 69 4.64 -34.07 -3.75
C PHE F 69 5.93 -34.23 -4.51
N ASN F 70 5.87 -34.05 -5.82
CA ASN F 70 7.06 -34.29 -6.63
C ASN F 70 7.69 -33.00 -7.12
N SER F 71 7.03 -31.88 -6.93
CA SER F 71 7.60 -30.57 -7.13
C SER F 71 7.45 -29.75 -5.84
N ASP F 72 7.90 -28.50 -5.90
CA ASP F 72 7.77 -27.60 -4.77
C ASP F 72 6.31 -27.39 -4.36
N VAL F 73 6.07 -27.44 -3.04
CA VAL F 73 4.80 -27.08 -2.40
C VAL F 73 4.92 -25.72 -1.74
N PHE F 74 3.90 -24.89 -1.94
CA PHE F 74 3.78 -23.57 -1.37
C PHE F 74 2.77 -23.56 -0.23
N LEU F 75 3.13 -22.88 0.86
CA LEU F 75 2.34 -22.81 2.07
C LEU F 75 2.17 -21.34 2.45
N ARG F 76 0.94 -20.99 2.81
CA ARG F 76 0.51 -19.65 3.24
C ARG F 76 1.14 -19.34 4.59
N GLY F 77 1.97 -18.28 4.66
CA GLY F 77 2.49 -17.86 5.96
C GLY F 77 1.45 -17.62 7.05
N THR F 78 0.25 -17.16 6.68
CA THR F 78 -0.73 -16.90 7.72
C THR F 78 -1.18 -18.19 8.39
N GLN F 79 -0.99 -19.34 7.74
CA GLN F 79 -1.43 -20.58 8.34
C GLN F 79 -0.29 -21.33 9.01
N VAL F 80 0.94 -20.82 8.93
CA VAL F 80 2.05 -21.59 9.48
C VAL F 80 2.11 -21.39 10.99
N MET F 81 2.08 -22.50 11.71
CA MET F 81 2.18 -22.48 13.16
C MET F 81 3.62 -22.64 13.62
N TYR F 82 4.30 -23.64 13.09
CA TYR F 82 5.72 -23.70 13.40
C TYR F 82 6.47 -24.27 12.23
N ILE F 83 7.76 -23.99 12.27
CA ILE F 83 8.75 -24.59 11.39
C ILE F 83 9.86 -25.01 12.33
N SER F 84 10.30 -26.27 12.22
CA SER F 84 11.38 -26.74 13.08
C SER F 84 12.26 -27.67 12.28
N GLU F 85 13.53 -27.76 12.67
CA GLU F 85 14.39 -28.74 12.03
C GLU F 85 13.88 -30.15 12.28
N GLN F 86 13.94 -30.95 11.22
CA GLN F 86 13.75 -32.39 11.29
C GLN F 86 15.15 -32.98 11.38
N ALA G 26 -4.14 4.22 28.15
CA ALA G 26 -5.15 3.48 27.40
C ALA G 26 -6.53 3.64 28.02
N ILE G 27 -7.37 2.64 27.80
CA ILE G 27 -8.79 2.73 28.07
C ILE G 27 -9.15 2.07 29.39
N LEU G 28 -8.55 0.93 29.67
CA LEU G 28 -8.74 0.24 30.95
C LEU G 28 -7.42 0.35 31.68
N ASP G 29 -7.43 1.09 32.78
CA ASP G 29 -6.28 1.27 33.65
C ASP G 29 -6.07 0.04 34.54
N LEU G 30 -5.08 -0.78 34.18
CA LEU G 30 -4.81 -2.00 34.93
C LEU G 30 -4.19 -1.75 36.29
N ALA G 31 -3.72 -0.52 36.56
CA ALA G 31 -3.05 -0.24 37.83
C ALA G 31 -3.93 -0.51 39.03
N LYS G 32 -5.25 -0.25 38.91
CA LYS G 32 -6.14 -0.49 40.05
C LYS G 32 -6.24 -1.98 40.37
N TYR G 33 -5.86 -2.83 39.42
CA TYR G 33 -5.94 -4.27 39.54
C TYR G 33 -4.58 -4.89 39.83
N LYS G 34 -3.53 -4.07 39.97
CA LYS G 34 -2.14 -4.52 40.12
C LYS G 34 -1.87 -5.39 41.34
N ASP G 35 -2.78 -5.48 42.30
CA ASP G 35 -2.52 -6.36 43.43
C ASP G 35 -3.76 -7.15 43.82
N SER G 36 -4.77 -7.20 42.97
CA SER G 36 -5.89 -8.10 43.16
C SER G 36 -6.01 -9.15 42.08
N LYS G 37 -6.81 -10.18 42.39
CA LYS G 37 -7.07 -11.29 41.49
C LYS G 37 -8.00 -10.87 40.36
N ILE G 38 -7.56 -11.09 39.14
CA ILE G 38 -8.37 -10.84 37.97
C ILE G 38 -8.67 -12.14 37.24
N ARG G 39 -9.72 -12.08 36.42
CA ARG G 39 -10.22 -13.14 35.56
C ARG G 39 -10.05 -12.67 34.12
N VAL G 40 -9.40 -13.49 33.29
CA VAL G 40 -9.06 -13.14 31.91
C VAL G 40 -9.48 -14.24 30.93
N LYS G 41 -10.40 -13.88 30.02
CA LYS G 41 -10.80 -14.73 28.90
C LYS G 41 -9.81 -14.52 27.77
N LEU G 42 -9.58 -15.61 27.02
CA LEU G 42 -8.64 -15.72 25.92
C LEU G 42 -9.31 -16.24 24.65
N MET G 43 -8.75 -15.84 23.51
CA MET G 43 -9.36 -16.08 22.19
C MET G 43 -9.82 -17.52 21.93
N GLY G 44 -9.01 -18.51 22.26
CA GLY G 44 -9.41 -19.85 21.88
C GLY G 44 -10.37 -20.60 22.77
N GLY G 45 -10.99 -19.94 23.75
CA GLY G 45 -11.97 -20.59 24.58
C GLY G 45 -11.51 -20.76 26.00
N LYS G 46 -10.21 -20.60 26.23
CA LYS G 46 -9.60 -20.82 27.53
C LYS G 46 -9.97 -19.71 28.49
N LEU G 47 -10.12 -20.07 29.77
CA LEU G 47 -10.37 -19.09 30.82
C LEU G 47 -9.27 -19.18 31.85
N VAL G 48 -8.79 -18.03 32.31
CA VAL G 48 -7.66 -17.98 33.23
C VAL G 48 -7.94 -17.08 34.42
N ILE G 49 -7.56 -17.54 35.62
CA ILE G 49 -7.79 -16.75 36.82
C ILE G 49 -6.46 -16.65 37.57
N GLY G 50 -6.14 -15.46 38.06
CA GLY G 50 -4.89 -15.30 38.81
C GLY G 50 -4.75 -13.89 39.31
N VAL G 51 -3.70 -13.67 40.10
CA VAL G 51 -3.43 -12.35 40.69
C VAL G 51 -2.59 -11.55 39.71
N LEU G 52 -2.99 -10.31 39.44
CA LEU G 52 -2.27 -9.47 38.50
C LEU G 52 -1.02 -8.91 39.18
N LYS G 53 0.15 -9.22 38.65
CA LYS G 53 1.41 -8.70 39.16
C LYS G 53 1.90 -7.52 38.36
N GLY G 54 1.67 -7.54 37.05
CA GLY G 54 2.12 -6.41 36.24
C GLY G 54 1.60 -6.47 34.83
N TYR G 55 1.96 -5.44 34.07
CA TYR G 55 1.36 -5.28 32.74
C TYR G 55 2.21 -4.27 32.00
N ASP G 56 1.92 -4.10 30.71
CA ASP G 56 2.59 -3.12 29.89
C ASP G 56 1.52 -2.35 29.11
N GLN G 57 1.94 -1.38 28.30
CA GLN G 57 0.96 -0.59 27.55
C GLN G 57 0.16 -1.45 26.59
N LEU G 58 0.78 -2.52 26.05
CA LEU G 58 0.13 -3.45 25.14
C LEU G 58 -0.75 -4.49 25.84
N MET G 59 -0.97 -4.34 27.14
CA MET G 59 -1.83 -5.23 27.92
C MET G 59 -1.33 -6.66 27.97
N ASN G 60 -0.05 -6.89 27.68
CA ASN G 60 0.62 -8.09 28.16
C ASN G 60 0.54 -8.08 29.67
N LEU G 61 0.40 -9.25 30.30
CA LEU G 61 0.28 -9.28 31.75
C LEU G 61 1.25 -10.26 32.38
N VAL G 62 1.73 -9.91 33.57
CA VAL G 62 2.39 -10.85 34.46
C VAL G 62 1.41 -11.25 35.54
N LEU G 63 1.03 -12.54 35.57
CA LEU G 63 0.14 -13.10 36.58
C LEU G 63 0.86 -14.13 37.43
N ASP G 64 0.64 -14.07 38.75
CA ASP G 64 1.10 -15.08 39.69
C ASP G 64 -0.06 -15.93 40.16
N ASP G 65 0.30 -17.09 40.72
CA ASP G 65 -0.64 -18.12 41.16
C ASP G 65 -1.69 -18.41 40.07
N THR G 66 -1.24 -18.52 38.82
CA THR G 66 -2.17 -18.61 37.69
C THR G 66 -2.77 -20.01 37.64
N VAL G 67 -4.09 -20.10 37.53
CA VAL G 67 -4.79 -21.34 37.19
C VAL G 67 -5.44 -21.21 35.82
N GLU G 68 -5.29 -22.25 35.00
CA GLU G 68 -5.78 -22.31 33.63
C GLU G 68 -6.91 -23.34 33.50
N TYR G 69 -8.07 -22.85 33.07
CA TYR G 69 -9.23 -23.67 32.80
C TYR G 69 -9.41 -23.82 31.29
N MET G 70 -9.78 -25.02 30.86
CA MET G 70 -9.95 -25.31 29.45
C MET G 70 -11.42 -25.65 29.21
N SER G 71 -11.86 -25.56 27.96
CA SER G 71 -13.22 -26.00 27.63
C SER G 71 -13.25 -27.17 26.66
N ASN G 85 -11.90 -28.88 34.98
CA ASN G 85 -10.82 -28.83 33.98
C ASN G 85 -9.88 -27.66 34.32
N ALA G 86 -9.20 -27.78 35.45
CA ALA G 86 -8.25 -26.76 35.91
C ALA G 86 -6.86 -27.33 36.14
N ARG G 87 -5.85 -26.65 35.63
CA ARG G 87 -4.45 -26.93 35.89
C ARG G 87 -3.81 -25.70 36.54
N LYS G 88 -2.95 -25.93 37.54
CA LYS G 88 -2.15 -24.85 38.14
C LYS G 88 -0.85 -24.65 37.39
N LEU G 89 -0.47 -23.38 37.20
CA LEU G 89 0.70 -23.02 36.41
C LEU G 89 1.68 -22.08 37.11
N GLY G 90 1.28 -21.43 38.20
CA GLY G 90 2.14 -20.49 38.91
C GLY G 90 2.41 -19.18 38.17
N LEU G 91 3.67 -18.84 38.01
CA LEU G 91 4.03 -17.57 37.40
C LEU G 91 3.97 -17.64 35.87
N THR G 92 3.25 -16.69 35.26
CA THR G 92 3.05 -16.73 33.81
C THR G 92 3.00 -15.32 33.23
N VAL G 93 3.10 -15.29 31.92
CA VAL G 93 3.02 -14.08 31.12
C VAL G 93 1.95 -14.36 30.07
N ILE G 94 0.93 -13.52 30.03
CA ILE G 94 -0.11 -13.67 29.02
C ILE G 94 0.13 -12.61 27.95
N ARG G 95 0.02 -13.03 26.69
CA ARG G 95 0.18 -12.12 25.56
C ARG G 95 -1.08 -11.28 25.42
N GLY G 96 -0.91 -9.94 25.42
CA GLY G 96 -2.03 -9.02 25.24
C GLY G 96 -2.83 -9.18 23.97
N THR G 97 -2.26 -9.80 22.94
CA THR G 97 -2.94 -9.88 21.65
C THR G 97 -4.10 -10.87 21.69
N ILE G 98 -4.04 -11.90 22.53
CA ILE G 98 -5.08 -12.90 22.58
C ILE G 98 -6.07 -12.67 23.73
N LEU G 99 -5.95 -11.56 24.46
CA LEU G 99 -6.87 -11.27 25.55
C LEU G 99 -8.21 -10.85 24.96
N VAL G 100 -9.31 -11.46 25.41
CA VAL G 100 -10.62 -11.03 24.95
C VAL G 100 -11.50 -10.41 26.04
N SER G 101 -11.42 -10.84 27.31
CA SER G 101 -12.08 -9.94 28.29
C SER G 101 -11.40 -10.00 29.64
N LEU G 102 -11.54 -8.92 30.41
CA LEU G 102 -10.98 -8.81 31.74
C LEU G 102 -11.97 -8.30 32.78
N SER G 103 -11.95 -8.89 33.98
CA SER G 103 -12.70 -8.30 35.10
C SER G 103 -12.03 -8.72 36.41
N SER G 104 -12.49 -8.13 37.51
CA SER G 104 -12.07 -8.61 38.82
C SER G 104 -12.49 -10.08 39.04
N ALA G 105 -11.69 -10.80 39.83
CA ALA G 105 -12.04 -12.16 40.25
C ALA G 105 -13.11 -12.13 41.35
N SER H 2 -14.08 2.28 -5.89
CA SER H 2 -14.59 2.14 -4.52
C SER H 2 -16.04 1.62 -4.50
N ALA H 3 -16.35 0.77 -3.53
CA ALA H 3 -17.68 0.18 -3.35
C ALA H 3 -18.16 0.57 -1.96
N THR H 4 -18.83 1.70 -1.86
CA THR H 4 -19.29 2.20 -0.58
C THR H 4 -20.77 1.92 -0.39
N LEU H 5 -21.20 2.01 0.87
CA LEU H 5 -22.60 1.82 1.22
C LEU H 5 -23.35 3.12 1.32
N LYS H 6 -23.00 4.12 0.50
CA LYS H 6 -23.74 5.38 0.59
C LYS H 6 -25.18 5.18 0.14
N ASP H 7 -25.35 4.81 -1.14
CA ASP H 7 -26.64 4.59 -1.78
C ASP H 7 -27.63 3.78 -0.95
N TYR H 8 -27.14 3.00 0.01
CA TYR H 8 -27.98 2.13 0.83
C TYR H 8 -28.40 2.78 2.15
N LEU H 9 -27.95 3.99 2.44
CA LEU H 9 -28.26 4.68 3.70
C LEU H 9 -29.74 5.02 3.86
N ASN H 10 -30.24 4.82 5.08
CA ASN H 10 -31.63 5.12 5.47
C ASN H 10 -32.63 4.39 4.57
N LYS H 11 -32.29 3.17 4.20
CA LYS H 11 -33.16 2.39 3.34
C LYS H 11 -33.26 0.98 3.88
N ARG H 12 -34.36 0.31 3.55
CA ARG H 12 -34.52 -1.04 4.04
C ARG H 12 -33.54 -1.91 3.28
N VAL H 13 -32.92 -2.83 4.01
CA VAL H 13 -31.84 -3.68 3.51
C VAL H 13 -32.00 -5.10 4.00
N VAL H 14 -31.41 -6.01 3.21
CA VAL H 14 -31.33 -7.44 3.50
C VAL H 14 -29.85 -7.66 3.82
N ILE H 15 -29.58 -8.14 5.03
CA ILE H 15 -28.24 -8.47 5.49
C ILE H 15 -28.08 -9.96 5.70
N ILE H 16 -27.00 -10.51 5.15
CA ILE H 16 -26.62 -11.91 5.34
C ILE H 16 -25.41 -11.93 6.27
N LYS H 17 -25.52 -12.60 7.40
CA LYS H 17 -24.42 -12.61 8.35
C LYS H 17 -23.49 -13.80 8.04
N VAL H 18 -22.24 -13.69 8.49
CA VAL H 18 -21.27 -14.76 8.25
C VAL H 18 -21.72 -16.10 8.83
N ASP H 19 -22.53 -16.10 9.90
CA ASP H 19 -23.08 -17.35 10.43
C ASP H 19 -24.12 -17.92 9.49
N GLY H 20 -24.72 -17.06 8.67
CA GLY H 20 -25.71 -17.45 7.71
C GLY H 20 -27.09 -17.20 8.27
N GLU H 21 -27.24 -16.04 8.87
CA GLU H 21 -28.52 -15.58 9.35
C GLU H 21 -28.75 -14.21 8.75
N CYS H 22 -30.00 -13.95 8.45
CA CYS H 22 -30.42 -12.72 7.81
C CYS H 22 -30.98 -11.73 8.80
N LEU H 23 -30.94 -10.46 8.41
CA LEU H 23 -31.54 -9.40 9.19
C LEU H 23 -32.11 -8.41 8.18
N ILE H 24 -33.33 -7.93 8.39
CA ILE H 24 -33.84 -6.81 7.59
C ILE H 24 -33.69 -5.56 8.43
N ALA H 25 -33.22 -4.47 7.84
CA ALA H 25 -32.95 -3.31 8.70
C ALA H 25 -32.87 -2.03 7.88
N SER H 26 -32.52 -0.94 8.54
CA SER H 26 -32.29 0.34 7.87
C SER H 26 -30.95 0.83 8.40
N LEU H 27 -30.01 1.09 7.51
CA LEU H 27 -28.63 1.40 7.87
C LEU H 27 -28.40 2.91 7.94
N ASN H 28 -28.37 3.46 9.16
CA ASN H 28 -28.12 4.88 9.37
C ASN H 28 -26.65 5.26 9.18
N GLY H 29 -25.72 4.42 9.59
CA GLY H 29 -24.32 4.77 9.46
C GLY H 29 -23.48 3.54 9.30
N PHE H 30 -22.30 3.75 8.75
CA PHE H 30 -21.35 2.68 8.50
C PHE H 30 -19.95 3.27 8.46
N ASP H 31 -18.95 2.43 8.75
CA ASP H 31 -17.54 2.81 8.67
C ASP H 31 -16.82 1.93 7.65
N LYS H 32 -15.51 2.17 7.50
CA LYS H 32 -14.70 1.48 6.50
C LYS H 32 -14.30 0.09 6.96
N ASN H 33 -15.00 -0.43 7.95
CA ASN H 33 -14.87 -1.79 8.45
C ASN H 33 -16.22 -2.50 8.42
N THR H 34 -17.13 -2.01 7.59
CA THR H 34 -18.53 -2.38 7.51
C THR H 34 -19.24 -2.65 8.84
N ASN H 35 -18.93 -1.89 9.90
CA ASN H 35 -19.76 -1.96 11.10
C ASN H 35 -21.12 -1.33 10.81
N LEU H 36 -22.14 -2.17 10.71
CA LEU H 36 -23.50 -1.75 10.37
C LEU H 36 -24.24 -1.12 11.55
N PHE H 37 -24.47 0.19 11.50
CA PHE H 37 -25.31 0.88 12.50
C PHE H 37 -26.73 0.89 11.94
N ILE H 38 -27.54 -0.12 12.29
CA ILE H 38 -28.87 -0.20 11.70
C ILE H 38 -29.96 -0.09 12.76
N THR H 39 -31.15 0.29 12.29
CA THR H 39 -32.35 0.44 13.12
C THR H 39 -33.47 -0.40 12.53
N ASN H 40 -34.43 -0.75 13.39
CA ASN H 40 -35.59 -1.55 13.02
C ASN H 40 -35.15 -2.90 12.47
N VAL H 41 -34.30 -3.59 13.22
CA VAL H 41 -33.81 -4.89 12.80
C VAL H 41 -34.79 -6.02 13.16
N PHE H 42 -34.86 -7.02 12.28
CA PHE H 42 -35.62 -8.25 12.51
C PHE H 42 -35.11 -9.35 11.59
N ASN H 43 -35.35 -10.59 12.02
CA ASN H 43 -34.92 -11.79 11.31
C ASN H 43 -35.73 -12.04 10.03
N ARG H 44 -35.06 -12.38 8.96
CA ARG H 44 -35.79 -12.70 7.73
C ARG H 44 -36.57 -14.00 7.91
N LYS H 47 -39.25 -13.83 12.15
CA LYS H 47 -39.35 -12.58 11.42
C LYS H 47 -39.91 -11.51 12.36
N GLU H 48 -39.34 -11.53 13.57
CA GLU H 48 -39.69 -10.65 14.69
C GLU H 48 -38.58 -9.63 14.91
N PHE H 49 -38.96 -8.40 15.26
CA PHE H 49 -37.94 -7.39 15.45
C PHE H 49 -37.15 -7.69 16.72
N ILE H 50 -35.83 -7.74 16.55
CA ILE H 50 -34.89 -8.04 17.62
C ILE H 50 -34.63 -6.79 18.45
N CYS H 51 -34.36 -5.67 17.78
CA CYS H 51 -34.22 -4.41 18.50
C CYS H 51 -34.44 -3.28 17.52
N LYS H 52 -34.81 -2.12 18.05
CA LYS H 52 -34.66 -0.88 17.32
C LYS H 52 -33.39 -0.22 17.82
N ALA H 53 -32.41 -0.09 16.92
CA ALA H 53 -31.10 0.50 17.17
C ALA H 53 -30.12 -0.58 17.55
N GLN H 54 -29.24 -1.02 16.65
CA GLN H 54 -28.15 -1.88 17.10
C GLN H 54 -26.93 -1.69 16.20
N LEU H 55 -25.78 -1.97 16.79
CA LEU H 55 -24.50 -2.01 16.11
C LEU H 55 -24.13 -3.46 15.80
N LEU H 56 -23.91 -3.74 14.52
CA LEU H 56 -23.51 -5.07 14.07
C LEU H 56 -22.07 -4.89 13.68
N ARG H 57 -21.25 -5.88 13.97
CA ARG H 57 -19.84 -5.73 13.71
C ARG H 57 -19.47 -6.20 12.32
N GLY H 58 -18.64 -5.39 11.64
CA GLY H 58 -18.27 -5.67 10.26
C GLY H 58 -17.74 -7.07 10.05
N SER H 59 -17.01 -7.61 11.03
CA SER H 59 -16.47 -8.94 10.91
C SER H 59 -17.57 -9.95 10.62
N GLU H 60 -18.76 -9.69 11.14
CA GLU H 60 -19.94 -10.55 11.06
C GLU H 60 -20.84 -10.30 9.84
N ILE H 61 -20.65 -9.21 9.08
CA ILE H 61 -21.37 -8.98 7.82
C ILE H 61 -20.80 -9.83 6.69
N ALA H 62 -21.65 -10.61 6.02
CA ALA H 62 -21.24 -11.32 4.81
C ALA H 62 -21.65 -10.63 3.52
N LEU H 63 -22.80 -9.94 3.50
CA LEU H 63 -23.47 -9.49 2.27
C LEU H 63 -24.59 -8.52 2.59
N VAL H 64 -24.56 -7.34 1.99
CA VAL H 64 -25.64 -6.37 2.13
C VAL H 64 -26.35 -6.18 0.79
N LYS H 87 -25.81 -21.75 4.67
CA LYS H 87 -24.72 -22.07 5.59
C LYS H 87 -24.00 -20.82 6.08
N ASP H 88 -22.87 -21.03 6.75
CA ASP H 88 -22.00 -19.95 7.18
C ASP H 88 -20.76 -19.88 6.30
N THR H 89 -20.02 -18.76 6.41
CA THR H 89 -18.82 -18.58 5.60
C THR H 89 -17.71 -19.53 6.00
N LYS H 90 -17.70 -19.99 7.26
CA LYS H 90 -16.69 -20.95 7.66
C LYS H 90 -16.95 -22.28 6.97
N ASN H 91 -15.89 -23.00 6.71
CA ASN H 91 -15.92 -24.31 6.09
C ASN H 91 -15.19 -25.30 6.95
N LYS H 92 -15.36 -25.20 8.25
CA LYS H 92 -14.76 -26.21 9.11
C LYS H 92 -15.50 -27.52 8.91
N ILE H 93 -14.75 -28.62 9.00
CA ILE H 93 -15.29 -29.95 8.80
C ILE H 93 -14.67 -30.92 9.80
N GLU H 94 -15.31 -32.08 10.00
CA GLU H 94 -14.76 -33.20 10.80
C GLU H 94 -13.31 -33.48 10.45
N ASN H 95 -12.46 -32.45 10.53
CA ASN H 95 -11.06 -32.43 10.12
C ASN H 95 -10.81 -33.51 9.09
N GLU H 96 -11.48 -33.35 7.97
CA GLU H 96 -10.86 -33.30 6.68
C GLU H 96 -9.64 -34.25 6.46
N HIS H 97 -8.72 -34.42 7.43
CA HIS H 97 -7.53 -35.25 7.20
C HIS H 97 -7.94 -36.68 6.85
N VAL H 98 -8.96 -37.19 7.50
CA VAL H 98 -9.50 -38.51 7.17
C VAL H 98 -9.90 -38.55 5.70
N ILE H 99 -10.61 -37.51 5.24
CA ILE H 99 -11.03 -37.43 3.85
C ILE H 99 -9.82 -37.40 2.92
N TRP H 100 -8.74 -36.73 3.34
CA TRP H 100 -7.56 -36.61 2.49
C TRP H 100 -6.80 -37.92 2.41
N GLU H 101 -6.73 -38.66 3.51
CA GLU H 101 -6.07 -39.94 3.41
C GLU H 101 -6.93 -40.92 2.63
N LYS H 102 -8.26 -40.83 2.78
CA LYS H 102 -9.12 -41.65 1.95
C LYS H 102 -8.88 -41.34 0.48
N VAL H 103 -8.75 -40.06 0.15
CA VAL H 103 -8.45 -39.64 -1.22
C VAL H 103 -7.10 -40.10 -1.68
N TYR H 104 -6.13 -40.14 -0.78
CA TYR H 104 -4.80 -40.60 -1.13
C TYR H 104 -4.83 -42.07 -1.51
N GLU H 105 -5.38 -42.89 -0.62
CA GLU H 105 -5.43 -44.31 -0.86
C GLU H 105 -6.32 -44.64 -2.05
N SER H 106 -7.35 -43.82 -2.32
CA SER H 106 -8.20 -44.05 -3.50
C SER H 106 -7.38 -43.91 -4.78
N LYS H 107 -6.38 -43.04 -4.78
CA LYS H 107 -5.50 -42.88 -5.93
C LYS H 107 -4.24 -43.73 -5.76
N THR H 108 -4.40 -44.91 -5.17
CA THR H 108 -3.31 -45.84 -4.92
C THR H 108 -3.78 -47.32 -4.79
#